data_6OF8
#
_entry.id   6OF8
#
_cell.length_a   162.985
_cell.length_b   121.343
_cell.length_c   56.239
_cell.angle_alpha   90.00
_cell.angle_beta   108.15
_cell.angle_gamma   90.00
#
_symmetry.space_group_name_H-M   'C 1 2 1'
#
loop_
_entity.id
_entity.type
_entity.pdbx_description
1 polymer 'Calcium/calmodulin-dependent protein kinase type II subunit alpha'
2 non-polymer 'POTASSIUM ION'
3 non-polymer GLYCEROL
4 water water
#
_entity_poly.entity_id   1
_entity_poly.type   'polypeptide(L)'
_entity_poly.pdbx_seq_one_letter_code
;GPHMVRKQEIIKVNQQLIEAISNGDFESYTKMCDPGMTAFEPEALGNLVEGLDFHRFYFENLWSRNSKPVHNTMLNPHIH
LMGDESACIAYIRITQYLDAGGIPRTAQSEETRVWHRRDGKWQHVHMHRSGAPSV
;
_entity_poly.pdbx_strand_id   F,B,C,G,E,A,D
#
loop_
_chem_comp.id
_chem_comp.type
_chem_comp.name
_chem_comp.formula
GOL non-polymer GLYCEROL 'C3 H8 O3'
K non-polymer 'POTASSIUM ION' 'K 1'
#
# COMPACT_ATOMS: atom_id res chain seq x y z
N ARG A 6 -31.20 1.87 -13.94
CA ARG A 6 -31.09 3.32 -13.98
C ARG A 6 -29.63 3.74 -13.79
N LYS A 7 -28.99 3.22 -12.75
CA LYS A 7 -27.59 3.50 -12.52
C LYS A 7 -26.69 2.67 -13.45
N GLN A 8 -27.17 1.52 -13.92
CA GLN A 8 -26.39 0.71 -14.85
C GLN A 8 -26.21 1.39 -16.20
N GLU A 9 -27.12 2.29 -16.59
CA GLU A 9 -26.92 3.04 -17.82
C GLU A 9 -25.79 4.04 -17.68
N ILE A 10 -25.66 4.67 -16.52
CA ILE A 10 -24.57 5.63 -16.30
C ILE A 10 -23.24 4.89 -16.25
N ILE A 11 -23.22 3.70 -15.65
CA ILE A 11 -22.00 2.90 -15.61
C ILE A 11 -21.57 2.51 -17.02
N LYS A 12 -22.53 2.12 -17.86
CA LYS A 12 -22.20 1.69 -19.21
C LYS A 12 -21.65 2.85 -20.04
N VAL A 13 -22.33 4.00 -19.99
CA VAL A 13 -21.87 5.14 -20.78
C VAL A 13 -20.52 5.64 -20.26
N ASN A 14 -20.27 5.54 -18.96
CA ASN A 14 -19.01 6.03 -18.42
C ASN A 14 -17.86 5.11 -18.79
N GLN A 15 -18.10 3.80 -18.82
CA GLN A 15 -17.06 2.87 -19.24
C GLN A 15 -16.69 3.09 -20.71
N GLN A 16 -17.69 3.35 -21.56
CA GLN A 16 -17.40 3.60 -22.97
C GLN A 16 -16.53 4.85 -23.14
N LEU A 17 -16.81 5.90 -22.37
CA LEU A 17 -15.97 7.09 -22.42
C LEU A 17 -14.54 6.77 -22.01
N ILE A 18 -14.38 5.91 -21.00
CA ILE A 18 -13.05 5.56 -20.52
C ILE A 18 -12.32 4.70 -21.54
N GLU A 19 -13.04 3.78 -22.20
CA GLU A 19 -12.41 2.97 -23.24
C GLU A 19 -11.96 3.82 -24.41
N ALA A 20 -12.81 4.75 -24.85
CA ALA A 20 -12.44 5.64 -25.95
C ALA A 20 -11.23 6.50 -25.59
N ILE A 21 -11.03 6.76 -24.30
CA ILE A 21 -9.88 7.56 -23.88
C ILE A 21 -8.58 6.77 -24.06
N SER A 22 -8.57 5.50 -23.63
CA SER A 22 -7.38 4.68 -23.73
C SER A 22 -7.15 4.11 -25.12
N ASN A 23 -8.19 4.04 -25.96
CA ASN A 23 -8.05 3.61 -27.34
C ASN A 23 -7.69 4.76 -28.27
N GLY A 24 -7.45 5.96 -27.74
CA GLY A 24 -7.15 7.10 -28.58
C GLY A 24 -8.26 7.47 -29.52
N ASP A 25 -9.51 7.09 -29.20
CA ASP A 25 -10.66 7.30 -30.08
C ASP A 25 -11.26 8.66 -29.76
N PHE A 26 -10.70 9.70 -30.39
CA PHE A 26 -11.19 11.06 -30.16
C PHE A 26 -12.58 11.27 -30.74
N GLU A 27 -12.93 10.53 -31.81
CA GLU A 27 -14.24 10.70 -32.42
C GLU A 27 -15.35 10.26 -31.47
N SER A 28 -15.23 9.04 -30.90
CA SER A 28 -16.21 8.60 -29.92
C SER A 28 -16.21 9.50 -28.69
N TYR A 29 -15.04 10.03 -28.34
CA TYR A 29 -14.94 10.93 -27.19
C TYR A 29 -15.78 12.19 -27.42
N THR A 30 -15.66 12.80 -28.59
CA THR A 30 -16.43 14.00 -28.88
C THR A 30 -17.92 13.72 -28.90
N LYS A 31 -18.33 12.53 -29.36
CA LYS A 31 -19.75 12.21 -29.44
C LYS A 31 -20.40 12.15 -28.07
N MET A 32 -19.64 11.80 -27.04
CA MET A 32 -20.18 11.63 -25.70
C MET A 32 -20.00 12.85 -24.81
N CYS A 33 -19.25 13.85 -25.25
CA CYS A 33 -18.95 15.02 -24.42
C CYS A 33 -19.68 16.24 -24.95
N ASP A 34 -20.37 16.94 -24.06
CA ASP A 34 -20.89 18.26 -24.38
C ASP A 34 -19.71 19.14 -24.76
N PRO A 35 -19.74 19.84 -25.89
CA PRO A 35 -18.59 20.65 -26.34
C PRO A 35 -18.18 21.72 -25.35
N GLY A 36 -19.02 22.06 -24.38
CA GLY A 36 -18.65 23.05 -23.39
C GLY A 36 -18.25 22.44 -22.06
N MET A 37 -17.77 21.19 -22.09
CA MET A 37 -17.42 20.51 -20.85
C MET A 37 -16.17 21.12 -20.22
N THR A 38 -16.05 20.95 -18.91
CA THR A 38 -14.91 21.41 -18.13
C THR A 38 -14.21 20.22 -17.50
N ALA A 39 -12.94 20.43 -17.13
CA ALA A 39 -12.14 19.33 -16.58
C ALA A 39 -11.08 19.86 -15.62
N PHE A 40 -11.07 19.30 -14.41
CA PHE A 40 -9.96 19.42 -13.47
C PHE A 40 -9.15 18.13 -13.55
N GLU A 41 -7.88 18.23 -13.92
CA GLU A 41 -7.04 17.05 -13.97
C GLU A 41 -5.59 17.46 -13.74
N PRO A 42 -4.74 16.51 -13.29
CA PRO A 42 -3.35 16.89 -12.95
C PRO A 42 -2.56 17.47 -14.10
N GLU A 43 -2.75 16.97 -15.32
CA GLU A 43 -2.02 17.49 -16.47
C GLU A 43 -2.34 18.96 -16.73
N ALA A 44 -3.52 19.44 -16.30
CA ALA A 44 -3.85 20.85 -16.43
C ALA A 44 -3.27 21.71 -15.32
N LEU A 45 -2.49 21.12 -14.42
CA LEU A 45 -1.70 21.85 -13.42
C LEU A 45 -2.57 22.67 -12.48
N GLY A 46 -3.78 22.19 -12.19
CA GLY A 46 -4.64 22.88 -11.26
C GLY A 46 -5.60 23.87 -11.87
N ASN A 47 -5.58 24.04 -13.18
CA ASN A 47 -6.52 24.93 -13.85
C ASN A 47 -7.73 24.16 -14.35
N LEU A 48 -8.84 24.87 -14.49
CA LEU A 48 -10.03 24.32 -15.13
C LEU A 48 -9.95 24.60 -16.62
N VAL A 49 -9.96 23.54 -17.42
CA VAL A 49 -9.90 23.67 -18.88
C VAL A 49 -11.29 23.44 -19.45
N GLU A 50 -11.64 24.21 -20.47
CA GLU A 50 -12.97 24.20 -21.06
C GLU A 50 -12.89 23.70 -22.50
N GLY A 51 -13.82 22.84 -22.87
CA GLY A 51 -13.91 22.36 -24.24
C GLY A 51 -13.17 21.04 -24.44
N LEU A 52 -12.95 20.73 -25.71
CA LEU A 52 -12.33 19.48 -26.12
C LEU A 52 -10.96 19.69 -26.76
N ASP A 53 -10.43 20.90 -26.74
CA ASP A 53 -9.15 21.17 -27.39
C ASP A 53 -7.97 20.72 -26.52
N PHE A 54 -8.07 20.90 -25.21
CA PHE A 54 -6.96 20.51 -24.34
C PHE A 54 -6.74 19.00 -24.36
N HIS A 55 -7.80 18.22 -24.46
CA HIS A 55 -7.66 16.77 -24.48
C HIS A 55 -7.19 16.26 -25.83
N ARG A 56 -7.45 16.99 -26.91
CA ARG A 56 -7.07 16.52 -28.24
C ARG A 56 -5.56 16.35 -28.34
N PHE A 57 -4.80 17.28 -27.75
CA PHE A 57 -3.34 17.18 -27.76
C PHE A 57 -2.87 15.86 -27.15
N TYR A 58 -3.58 15.37 -26.13
CA TYR A 58 -3.21 14.10 -25.51
C TYR A 58 -3.73 12.90 -26.30
N PHE A 59 -4.83 13.08 -27.04
CA PHE A 59 -5.33 11.99 -27.88
C PHE A 59 -4.40 11.72 -29.05
N GLU A 60 -3.88 12.77 -29.67
CA GLU A 60 -3.05 12.60 -30.86
C GLU A 60 -1.65 12.11 -30.52
N ASN A 61 -1.03 12.65 -29.47
CA ASN A 61 0.37 12.43 -29.19
C ASN A 61 0.62 11.42 -28.08
N LEU A 62 -0.40 10.71 -27.61
CA LEU A 62 -0.20 9.74 -26.54
C LEU A 62 -1.09 8.53 -26.66
N TRP A 63 -2.36 8.66 -26.26
CA TRP A 63 -3.26 7.50 -26.16
C TRP A 63 -3.37 6.75 -27.46
N SER A 64 -3.32 7.47 -28.59
CA SER A 64 -3.16 6.80 -29.88
C SER A 64 -1.73 6.27 -29.98
N ARG A 65 -0.76 7.19 -30.06
CA ARG A 65 0.63 6.84 -30.36
C ARG A 65 1.17 5.70 -29.51
N ASN A 66 0.73 5.61 -28.25
CA ASN A 66 1.23 4.60 -27.32
C ASN A 66 0.23 3.46 -27.11
N SER A 67 -0.48 3.06 -28.17
CA SER A 67 -1.47 2.00 -28.03
C SER A 67 -0.80 0.68 -27.68
N LYS A 68 -1.19 0.13 -26.53
CA LYS A 68 -0.58 -1.07 -25.97
C LYS A 68 -1.63 -1.73 -25.08
N PRO A 69 -1.33 -2.93 -24.56
CA PRO A 69 -2.28 -3.55 -23.62
C PRO A 69 -2.53 -2.68 -22.41
N VAL A 70 -3.79 -2.28 -22.24
CA VAL A 70 -4.22 -1.40 -21.15
C VAL A 70 -5.60 -1.83 -20.69
N HIS A 71 -5.78 -1.96 -19.38
CA HIS A 71 -7.06 -2.30 -18.78
C HIS A 71 -7.43 -1.22 -17.76
N ASN A 72 -8.66 -0.72 -17.87
CA ASN A 72 -9.17 0.31 -16.97
C ASN A 72 -10.38 -0.24 -16.23
N THR A 73 -10.37 -0.10 -14.90
CA THR A 73 -11.43 -0.62 -14.05
C THR A 73 -11.99 0.49 -13.18
N MET A 74 -13.32 0.65 -13.22
CA MET A 74 -14.03 1.49 -12.27
C MET A 74 -14.38 0.64 -11.05
N LEU A 75 -13.90 1.04 -9.89
CA LEU A 75 -14.09 0.28 -8.66
C LEU A 75 -15.29 0.83 -7.90
N ASN A 76 -16.32 -0.01 -7.75
CA ASN A 76 -17.53 0.27 -6.97
C ASN A 76 -18.02 1.69 -7.20
N PRO A 77 -18.59 1.97 -8.37
CA PRO A 77 -18.99 3.35 -8.67
C PRO A 77 -20.19 3.77 -7.84
N HIS A 78 -20.14 5.00 -7.34
CA HIS A 78 -21.26 5.61 -6.62
C HIS A 78 -21.93 6.59 -7.57
N ILE A 79 -23.24 6.41 -7.78
CA ILE A 79 -23.99 7.22 -8.74
C ILE A 79 -25.01 8.04 -7.96
N HIS A 80 -24.95 9.35 -8.14
CA HIS A 80 -25.98 10.26 -7.63
C HIS A 80 -26.92 10.59 -8.76
N LEU A 81 -28.19 10.23 -8.60
CA LEU A 81 -29.22 10.55 -9.59
C LEU A 81 -29.97 11.78 -9.13
N MET A 82 -30.07 12.77 -10.01
CA MET A 82 -30.66 14.07 -9.69
C MET A 82 -31.74 14.35 -10.74
N GLY A 83 -32.96 13.88 -10.47
CA GLY A 83 -34.02 13.93 -11.45
C GLY A 83 -33.98 12.74 -12.38
N ASP A 84 -34.27 12.96 -13.65
CA ASP A 84 -34.13 11.93 -14.68
C ASP A 84 -33.20 12.39 -15.80
N GLU A 85 -32.52 13.53 -15.62
CA GLU A 85 -31.73 14.15 -16.67
C GLU A 85 -30.29 14.42 -16.28
N SER A 86 -29.90 14.14 -15.03
CA SER A 86 -28.58 14.49 -14.54
C SER A 86 -28.05 13.36 -13.66
N ALA A 87 -26.74 13.17 -13.69
CA ALA A 87 -26.11 12.11 -12.90
C ALA A 87 -24.67 12.47 -12.61
N CYS A 88 -24.21 12.12 -11.41
CA CYS A 88 -22.81 12.28 -11.02
C CYS A 88 -22.30 10.92 -10.54
N ILE A 89 -21.26 10.42 -11.20
CA ILE A 89 -20.67 9.13 -10.87
C ILE A 89 -19.24 9.37 -10.37
N ALA A 90 -18.93 8.81 -9.21
CA ALA A 90 -17.61 8.92 -8.60
C ALA A 90 -17.07 7.53 -8.31
N TYR A 91 -15.78 7.33 -8.57
CA TYR A 91 -15.20 5.99 -8.51
C TYR A 91 -13.68 6.09 -8.44
N ILE A 92 -13.09 5.05 -7.85
CA ILE A 92 -11.66 4.81 -8.01
C ILE A 92 -11.43 4.19 -9.38
N ARG A 93 -10.49 4.73 -10.13
CA ARG A 93 -10.15 4.24 -11.46
C ARG A 93 -8.78 3.60 -11.41
N ILE A 94 -8.72 2.29 -11.67
CA ILE A 94 -7.49 1.52 -11.64
C ILE A 94 -7.05 1.26 -13.09
N THR A 95 -5.85 1.69 -13.43
CA THR A 95 -5.30 1.55 -14.78
C THR A 95 -4.21 0.48 -14.75
N GLN A 96 -4.44 -0.61 -15.46
CA GLN A 96 -3.45 -1.67 -15.62
C GLN A 96 -2.79 -1.52 -16.98
N TYR A 97 -1.46 -1.37 -16.99
CA TYR A 97 -0.72 -1.12 -18.21
C TYR A 97 0.63 -1.83 -18.14
N LEU A 98 1.35 -1.79 -19.26
CA LEU A 98 2.71 -2.30 -19.34
C LEU A 98 3.67 -1.14 -19.48
N ASP A 99 4.71 -1.12 -18.64
CA ASP A 99 5.74 -0.11 -18.76
C ASP A 99 6.71 -0.50 -19.87
N ALA A 100 7.55 0.47 -20.27
CA ALA A 100 8.62 0.16 -21.21
C ALA A 100 9.54 -0.87 -20.58
N GLY A 101 9.53 -2.08 -21.13
CA GLY A 101 10.19 -3.22 -20.52
C GLY A 101 9.28 -4.38 -20.23
N GLY A 102 7.96 -4.23 -20.44
CA GLY A 102 7.03 -5.31 -20.32
C GLY A 102 6.48 -5.56 -18.93
N ILE A 103 6.96 -4.85 -17.92
CA ILE A 103 6.55 -5.09 -16.54
C ILE A 103 5.15 -4.54 -16.32
N PRO A 104 4.18 -5.37 -15.91
CA PRO A 104 2.82 -4.86 -15.66
C PRO A 104 2.81 -3.94 -14.45
N ARG A 105 2.15 -2.78 -14.60
CA ARG A 105 2.03 -1.80 -13.55
C ARG A 105 0.56 -1.46 -13.31
N THR A 106 0.30 -0.78 -12.21
CA THR A 106 -1.06 -0.38 -11.84
C THR A 106 -1.02 1.04 -11.29
N ALA A 107 -1.92 1.88 -11.79
CA ALA A 107 -2.03 3.27 -11.36
C ALA A 107 -3.45 3.53 -10.87
N GLN A 108 -3.57 4.36 -9.84
CA GLN A 108 -4.86 4.74 -9.28
C GLN A 108 -5.11 6.22 -9.48
N SER A 109 -6.36 6.56 -9.81
CA SER A 109 -6.81 7.94 -9.74
C SER A 109 -8.25 7.93 -9.23
N GLU A 110 -8.66 9.07 -8.67
CA GLU A 110 -10.04 9.27 -8.25
C GLU A 110 -10.72 10.16 -9.28
N GLU A 111 -11.90 9.75 -9.73
CA GLU A 111 -12.57 10.41 -10.83
C GLU A 111 -14.00 10.73 -10.47
N THR A 112 -14.39 11.98 -10.72
CA THR A 112 -15.78 12.41 -10.72
C THR A 112 -16.15 12.80 -12.14
N ARG A 113 -17.29 12.30 -12.63
CA ARG A 113 -17.77 12.66 -13.96
C ARG A 113 -19.25 12.99 -13.89
N VAL A 114 -19.62 14.14 -14.43
CA VAL A 114 -20.98 14.66 -14.39
C VAL A 114 -21.59 14.52 -15.77
N TRP A 115 -22.77 13.91 -15.84
CA TRP A 115 -23.45 13.62 -17.09
C TRP A 115 -24.81 14.32 -17.12
N HIS A 116 -25.21 14.73 -18.32
CA HIS A 116 -26.48 15.41 -18.55
C HIS A 116 -27.16 14.78 -19.75
N ARG A 117 -28.41 14.39 -19.59
CA ARG A 117 -29.15 13.70 -20.64
C ARG A 117 -29.80 14.71 -21.57
N ARG A 118 -29.48 14.62 -22.86
CA ARG A 118 -30.05 15.49 -23.89
C ARG A 118 -30.51 14.65 -25.07
N ASP A 119 -31.79 14.81 -25.44
CA ASP A 119 -32.40 14.10 -26.56
C ASP A 119 -32.17 12.60 -26.45
N GLY A 120 -32.35 12.07 -25.24
CA GLY A 120 -32.19 10.65 -25.02
C GLY A 120 -30.76 10.15 -25.01
N LYS A 121 -29.78 11.04 -24.99
CA LYS A 121 -28.38 10.66 -25.00
C LYS A 121 -27.65 11.35 -23.86
N TRP A 122 -26.84 10.59 -23.12
CA TRP A 122 -26.09 11.15 -22.01
C TRP A 122 -24.87 11.91 -22.53
N GLN A 123 -24.68 13.12 -22.03
CA GLN A 123 -23.59 14.00 -22.45
C GLN A 123 -22.72 14.33 -21.24
N HIS A 124 -21.41 14.20 -21.42
CA HIS A 124 -20.44 14.43 -20.36
C HIS A 124 -20.13 15.92 -20.28
N VAL A 125 -20.45 16.54 -19.14
CA VAL A 125 -20.32 17.99 -19.00
C VAL A 125 -19.18 18.42 -18.10
N HIS A 126 -18.69 17.55 -17.21
CA HIS A 126 -17.61 17.95 -16.31
C HIS A 126 -16.96 16.71 -15.73
N MET A 127 -15.63 16.76 -15.58
CA MET A 127 -14.89 15.70 -14.94
C MET A 127 -13.87 16.31 -13.99
N HIS A 128 -13.53 15.55 -12.95
CA HIS A 128 -12.51 15.94 -11.98
C HIS A 128 -11.68 14.70 -11.69
N ARG A 129 -10.37 14.79 -11.89
CA ARG A 129 -9.48 13.67 -11.65
C ARG A 129 -8.35 14.09 -10.73
N SER A 130 -8.10 13.29 -9.70
CA SER A 130 -6.98 13.48 -8.80
C SER A 130 -6.16 12.21 -8.76
N GLY A 131 -4.87 12.36 -8.51
CA GLY A 131 -3.99 11.22 -8.37
C GLY A 131 -2.89 11.15 -9.40
N ALA A 132 -2.77 10.01 -10.06
CA ALA A 132 -1.67 9.79 -10.99
C ALA A 132 -1.84 10.65 -12.23
N PRO A 133 -0.78 11.35 -12.68
CA PRO A 133 -0.80 12.17 -13.90
C PRO A 133 -0.44 11.36 -15.14
N HIS B 3 36.39 -38.87 23.60
CA HIS B 3 35.64 -37.65 23.33
C HIS B 3 36.12 -36.96 22.06
N MET B 4 37.42 -36.63 22.04
CA MET B 4 37.97 -35.82 20.96
C MET B 4 37.84 -36.53 19.61
N VAL B 5 38.01 -37.85 19.59
CA VAL B 5 37.84 -38.60 18.35
C VAL B 5 36.41 -38.48 17.84
N ARG B 6 35.44 -38.41 18.75
CA ARG B 6 34.05 -38.25 18.33
C ARG B 6 33.74 -36.83 17.89
N LYS B 7 34.42 -35.84 18.45
CA LYS B 7 34.25 -34.46 17.98
C LYS B 7 34.87 -34.28 16.60
N GLN B 8 36.00 -34.94 16.34
CA GLN B 8 36.56 -34.92 15.00
C GLN B 8 35.67 -35.66 14.02
N GLU B 9 34.90 -36.63 14.49
CA GLU B 9 33.92 -37.29 13.64
C GLU B 9 32.85 -36.32 13.18
N ILE B 10 32.34 -35.48 14.10
CA ILE B 10 31.36 -34.47 13.73
C ILE B 10 31.98 -33.43 12.83
N ILE B 11 33.23 -33.03 13.11
CA ILE B 11 33.91 -32.06 12.27
C ILE B 11 34.03 -32.57 10.83
N LYS B 12 34.30 -33.86 10.66
CA LYS B 12 34.52 -34.41 9.33
C LYS B 12 33.26 -34.35 8.49
N VAL B 13 32.15 -34.90 9.00
CA VAL B 13 30.93 -34.95 8.21
C VAL B 13 30.41 -33.54 7.94
N ASN B 14 30.64 -32.61 8.87
CA ASN B 14 30.21 -31.23 8.64
C ASN B 14 31.04 -30.58 7.53
N GLN B 15 32.35 -30.86 7.51
CA GLN B 15 33.17 -30.41 6.38
C GLN B 15 32.66 -30.97 5.06
N GLN B 16 32.32 -32.26 5.05
CA GLN B 16 31.75 -32.86 3.84
C GLN B 16 30.43 -32.19 3.47
N LEU B 17 29.63 -31.80 4.47
CA LEU B 17 28.37 -31.12 4.19
C LEU B 17 28.63 -29.77 3.53
N ILE B 18 29.54 -28.98 4.10
CA ILE B 18 29.86 -27.68 3.52
C ILE B 18 30.48 -27.85 2.13
N GLU B 19 31.18 -28.97 1.91
CA GLU B 19 31.80 -29.20 0.61
C GLU B 19 30.77 -29.38 -0.48
N ALA B 20 29.68 -30.11 -0.19
CA ALA B 20 28.61 -30.26 -1.17
C ALA B 20 27.96 -28.93 -1.50
N ILE B 21 27.89 -28.02 -0.53
CA ILE B 21 27.35 -26.69 -0.78
C ILE B 21 28.27 -25.91 -1.71
N SER B 22 29.57 -25.94 -1.45
CA SER B 22 30.52 -25.20 -2.27
C SER B 22 30.52 -25.72 -3.71
N ASN B 23 30.45 -27.04 -3.88
CA ASN B 23 30.47 -27.61 -5.21
C ASN B 23 29.10 -27.64 -5.88
N GLY B 24 28.02 -27.49 -5.11
CA GLY B 24 26.69 -27.63 -5.66
C GLY B 24 26.23 -29.06 -5.80
N ASP B 25 26.72 -29.95 -4.93
CA ASP B 25 26.42 -31.38 -5.03
C ASP B 25 25.22 -31.68 -4.14
N PHE B 26 24.03 -31.53 -4.72
CA PHE B 26 22.79 -31.76 -3.98
C PHE B 26 22.61 -33.22 -3.61
N GLU B 27 23.18 -34.15 -4.38
CA GLU B 27 23.03 -35.56 -4.06
C GLU B 27 23.71 -35.89 -2.73
N SER B 28 24.99 -35.55 -2.60
CA SER B 28 25.68 -35.77 -1.33
C SER B 28 25.05 -34.96 -0.21
N TYR B 29 24.53 -33.76 -0.53
CA TYR B 29 23.84 -32.95 0.46
C TYR B 29 22.60 -33.68 1.00
N THR B 30 21.77 -34.21 0.11
CA THR B 30 20.60 -34.98 0.54
C THR B 30 21.01 -36.20 1.35
N LYS B 31 22.08 -36.88 0.93
CA LYS B 31 22.49 -38.10 1.60
C LYS B 31 22.85 -37.86 3.06
N MET B 32 23.36 -36.67 3.39
CA MET B 32 23.76 -36.36 4.75
C MET B 32 22.66 -35.73 5.59
N CYS B 33 21.58 -35.27 4.98
CA CYS B 33 20.50 -34.59 5.69
C CYS B 33 19.33 -35.52 5.94
N ASP B 34 18.77 -35.45 7.13
CA ASP B 34 17.50 -36.11 7.42
C ASP B 34 16.41 -35.42 6.60
N PRO B 35 15.55 -36.17 5.90
CA PRO B 35 14.52 -35.53 5.07
C PRO B 35 13.62 -34.58 5.84
N GLY B 36 13.47 -34.75 7.15
CA GLY B 36 12.65 -33.84 7.93
C GLY B 36 13.45 -32.77 8.66
N MET B 37 14.59 -32.37 8.11
CA MET B 37 15.40 -31.35 8.76
C MET B 37 14.74 -29.98 8.64
N THR B 38 15.05 -29.11 9.60
CA THR B 38 14.57 -27.73 9.62
C THR B 38 15.75 -26.78 9.50
N ALA B 39 15.45 -25.56 9.05
CA ALA B 39 16.50 -24.57 8.83
C ALA B 39 15.99 -23.17 9.13
N PHE B 40 16.78 -22.41 9.89
CA PHE B 40 16.63 -20.97 10.02
C PHE B 40 17.73 -20.32 9.17
N GLU B 41 17.35 -19.55 8.17
CA GLU B 41 18.30 -19.01 7.23
C GLU B 41 17.90 -17.60 6.80
N PRO B 42 18.87 -16.71 6.57
CA PRO B 42 18.51 -15.36 6.12
C PRO B 42 17.69 -15.35 4.84
N GLU B 43 17.99 -16.27 3.91
CA GLU B 43 17.23 -16.32 2.66
C GLU B 43 15.77 -16.67 2.89
N ALA B 44 15.47 -17.37 3.99
CA ALA B 44 14.10 -17.74 4.32
C ALA B 44 13.32 -16.61 4.99
N LEU B 45 13.94 -15.44 5.17
CA LEU B 45 13.26 -14.23 5.64
C LEU B 45 12.73 -14.37 7.06
N GLY B 46 13.39 -15.18 7.88
CA GLY B 46 12.99 -15.32 9.27
C GLY B 46 11.99 -16.44 9.54
N ASN B 47 11.63 -17.23 8.53
CA ASN B 47 10.76 -18.36 8.71
C ASN B 47 11.57 -19.64 8.85
N LEU B 48 11.05 -20.56 9.67
CA LEU B 48 11.63 -21.89 9.74
C LEU B 48 11.15 -22.71 8.56
N VAL B 49 12.09 -23.33 7.85
CA VAL B 49 11.78 -24.13 6.66
C VAL B 49 12.09 -25.58 6.97
N GLU B 50 11.19 -26.48 6.56
CA GLU B 50 11.32 -27.91 6.75
C GLU B 50 11.52 -28.59 5.39
N GLY B 51 12.25 -29.70 5.40
CA GLY B 51 12.55 -30.40 4.17
C GLY B 51 13.66 -29.70 3.38
N LEU B 52 13.99 -30.31 2.25
CA LEU B 52 15.13 -29.85 1.45
C LEU B 52 14.72 -29.15 0.16
N ASP B 53 13.45 -28.75 0.05
CA ASP B 53 12.98 -28.06 -1.15
C ASP B 53 13.56 -26.66 -1.25
N PHE B 54 13.54 -25.91 -0.14
CA PHE B 54 14.01 -24.53 -0.16
C PHE B 54 15.46 -24.43 -0.58
N HIS B 55 16.27 -25.45 -0.28
CA HIS B 55 17.67 -25.42 -0.66
C HIS B 55 17.93 -25.99 -2.05
N ARG B 56 17.08 -26.90 -2.53
CA ARG B 56 17.27 -27.45 -3.87
C ARG B 56 17.23 -26.34 -4.92
N PHE B 57 16.36 -25.34 -4.74
CA PHE B 57 16.28 -24.25 -5.68
C PHE B 57 17.58 -23.45 -5.73
N TYR B 58 18.31 -23.39 -4.62
CA TYR B 58 19.59 -22.69 -4.62
C TYR B 58 20.70 -23.55 -5.22
N PHE B 59 20.62 -24.87 -5.07
CA PHE B 59 21.57 -25.74 -5.76
C PHE B 59 21.37 -25.69 -7.26
N GLU B 60 20.12 -25.74 -7.72
CA GLU B 60 19.83 -25.80 -9.15
C GLU B 60 20.20 -24.52 -9.88
N ASN B 61 20.42 -23.41 -9.17
CA ASN B 61 20.67 -22.15 -9.85
C ASN B 61 21.99 -21.51 -9.44
N LEU B 62 22.01 -20.85 -8.28
CA LEU B 62 23.17 -20.05 -7.91
C LEU B 62 24.40 -20.92 -7.63
N TRP B 63 24.21 -22.07 -7.00
CA TRP B 63 25.34 -22.89 -6.58
C TRP B 63 25.84 -23.85 -7.65
N SER B 64 25.00 -24.21 -8.63
CA SER B 64 25.47 -25.04 -9.73
C SER B 64 26.19 -24.25 -10.81
N ARG B 65 26.31 -22.93 -10.65
CA ARG B 65 27.17 -22.12 -11.51
C ARG B 65 28.63 -22.30 -11.07
N ASN B 66 29.08 -23.55 -11.14
CA ASN B 66 30.39 -24.01 -10.67
C ASN B 66 31.54 -23.51 -11.51
N SER B 67 31.27 -22.62 -12.48
CA SER B 67 32.34 -21.94 -13.18
C SER B 67 33.21 -21.13 -12.22
N LYS B 68 32.61 -20.58 -11.17
CA LYS B 68 33.31 -19.78 -10.17
C LYS B 68 33.96 -20.69 -9.13
N PRO B 69 35.07 -20.25 -8.53
CA PRO B 69 35.68 -21.02 -7.44
C PRO B 69 35.24 -20.51 -6.06
N VAL B 70 35.11 -21.41 -5.10
CA VAL B 70 34.66 -21.04 -3.75
C VAL B 70 35.45 -21.83 -2.72
N HIS B 71 35.83 -21.14 -1.64
CA HIS B 71 36.46 -21.77 -0.49
C HIS B 71 35.63 -21.42 0.73
N ASN B 72 35.25 -22.45 1.50
CA ASN B 72 34.44 -22.27 2.70
C ASN B 72 35.25 -22.73 3.90
N THR B 73 35.61 -21.80 4.76
CA THR B 73 36.44 -22.08 5.93
C THR B 73 35.58 -22.13 7.18
N MET B 74 35.69 -23.22 7.93
CA MET B 74 35.04 -23.38 9.22
C MET B 74 36.05 -23.00 10.30
N LEU B 75 35.78 -21.89 11.00
CA LEU B 75 36.71 -21.34 11.98
C LEU B 75 36.31 -21.75 13.39
N ASN B 76 37.25 -22.32 14.12
CA ASN B 76 37.10 -22.65 15.53
C ASN B 76 35.77 -23.34 15.85
N PRO B 77 35.51 -24.51 15.27
CA PRO B 77 34.24 -25.20 15.55
C PRO B 77 34.19 -25.66 17.00
N HIS B 78 33.09 -25.31 17.67
CA HIS B 78 32.82 -25.78 19.02
C HIS B 78 31.74 -26.87 18.94
N ILE B 79 32.05 -28.07 19.42
CA ILE B 79 31.19 -29.23 19.26
C ILE B 79 30.65 -29.63 20.62
N HIS B 80 29.32 -29.72 20.71
CA HIS B 80 28.65 -30.24 21.90
C HIS B 80 28.24 -31.68 21.64
N LEU B 81 28.70 -32.59 22.50
CA LEU B 81 28.28 -33.99 22.44
C LEU B 81 27.22 -34.23 23.50
N MET B 82 26.12 -34.85 23.10
CA MET B 82 24.98 -35.11 23.98
C MET B 82 24.65 -36.60 23.88
N GLY B 83 25.40 -37.40 24.63
CA GLY B 83 25.30 -38.82 24.51
C GLY B 83 26.03 -39.32 23.28
N ASP B 84 25.88 -40.61 23.03
CA ASP B 84 26.54 -41.24 21.89
C ASP B 84 25.81 -41.02 20.58
N GLU B 85 24.62 -40.41 20.61
CA GLU B 85 23.75 -40.36 19.44
C GLU B 85 23.56 -38.96 18.88
N SER B 86 23.93 -37.91 19.60
CA SER B 86 23.56 -36.55 19.24
C SER B 86 24.77 -35.62 19.33
N ALA B 87 24.79 -34.63 18.44
CA ALA B 87 25.87 -33.66 18.40
C ALA B 87 25.32 -32.32 17.92
N CYS B 88 25.98 -31.25 18.36
CA CYS B 88 25.68 -29.90 17.92
C CYS B 88 27.00 -29.18 17.71
N ILE B 89 27.24 -28.70 16.49
CA ILE B 89 28.47 -28.00 16.14
C ILE B 89 28.12 -26.56 15.78
N ALA B 90 28.94 -25.63 16.26
CA ALA B 90 28.75 -24.20 16.05
C ALA B 90 30.07 -23.57 15.64
N TYR B 91 30.03 -22.73 14.61
CA TYR B 91 31.26 -22.20 14.05
C TYR B 91 30.95 -20.96 13.24
N ILE B 92 31.98 -20.14 13.05
CA ILE B 92 31.93 -19.04 12.09
C ILE B 92 32.33 -19.61 10.73
N ARG B 93 31.57 -19.28 9.70
CA ARG B 93 31.80 -19.77 8.35
C ARG B 93 32.23 -18.61 7.46
N ILE B 94 33.38 -18.76 6.82
CA ILE B 94 33.93 -17.73 5.94
C ILE B 94 33.85 -18.26 4.52
N THR B 95 33.16 -17.52 3.65
CA THR B 95 32.96 -17.91 2.26
C THR B 95 33.81 -17.01 1.37
N GLN B 96 34.75 -17.61 0.65
CA GLN B 96 35.54 -16.90 -0.36
C GLN B 96 34.99 -17.24 -1.74
N TYR B 97 34.78 -16.21 -2.56
CA TYR B 97 34.14 -16.38 -3.86
C TYR B 97 34.60 -15.25 -4.78
N LEU B 98 34.12 -15.29 -6.02
CA LEU B 98 34.37 -14.25 -7.01
C LEU B 98 33.06 -13.57 -7.36
N ASP B 99 33.07 -12.24 -7.41
CA ASP B 99 31.88 -11.48 -7.76
C ASP B 99 31.73 -11.40 -9.27
N ALA B 100 30.71 -10.66 -9.72
CA ALA B 100 30.60 -10.31 -11.12
C ALA B 100 31.75 -9.40 -11.51
N GLY B 101 32.61 -9.88 -12.41
CA GLY B 101 33.84 -9.21 -12.76
C GLY B 101 35.09 -9.93 -12.30
N GLY B 102 34.96 -10.85 -11.35
CA GLY B 102 36.07 -11.69 -10.94
C GLY B 102 36.92 -11.14 -9.82
N ILE B 103 36.40 -10.24 -9.00
CA ILE B 103 37.15 -9.67 -7.88
C ILE B 103 36.87 -10.52 -6.65
N PRO B 104 37.90 -11.06 -6.00
CA PRO B 104 37.66 -11.91 -4.82
C PRO B 104 37.02 -11.13 -3.68
N ARG B 105 36.06 -11.77 -3.01
CA ARG B 105 35.38 -11.19 -1.87
C ARG B 105 35.08 -12.29 -0.86
N THR B 106 34.88 -11.88 0.39
CA THR B 106 34.61 -12.81 1.48
C THR B 106 33.31 -12.44 2.17
N ALA B 107 32.63 -13.46 2.68
CA ALA B 107 31.41 -13.28 3.46
C ALA B 107 31.51 -14.09 4.74
N GLN B 108 30.95 -13.55 5.82
CA GLN B 108 30.88 -14.25 7.09
C GLN B 108 29.45 -14.66 7.41
N SER B 109 29.30 -15.88 7.92
CA SER B 109 28.04 -16.31 8.51
C SER B 109 28.33 -17.15 9.74
N GLU B 110 27.46 -17.04 10.74
CA GLU B 110 27.51 -17.89 11.92
C GLU B 110 26.55 -19.05 11.72
N GLU B 111 27.01 -20.27 11.97
CA GLU B 111 26.21 -21.45 11.69
C GLU B 111 26.16 -22.36 12.91
N THR B 112 24.95 -22.81 13.23
CA THR B 112 24.69 -23.89 14.18
C THR B 112 24.11 -25.06 13.39
N ARG B 113 24.69 -26.25 13.56
CA ARG B 113 24.18 -27.43 12.87
C ARG B 113 24.08 -28.58 13.87
N VAL B 114 22.92 -29.24 13.86
CA VAL B 114 22.60 -30.31 14.81
C VAL B 114 22.61 -31.63 14.07
N TRP B 115 23.27 -32.63 14.65
CA TRP B 115 23.41 -33.94 14.04
C TRP B 115 22.90 -35.02 14.98
N HIS B 116 22.25 -36.02 14.39
CA HIS B 116 21.74 -37.19 15.09
C HIS B 116 22.16 -38.43 14.31
N ARG B 117 22.61 -39.46 15.03
CA ARG B 117 23.05 -40.68 14.38
C ARG B 117 21.86 -41.64 14.29
N ARG B 118 21.38 -41.85 13.07
CA ARG B 118 20.26 -42.75 12.78
C ARG B 118 20.75 -43.87 11.89
N ASP B 119 20.53 -45.12 12.33
CA ASP B 119 20.99 -46.30 11.61
C ASP B 119 22.51 -46.29 11.43
N GLY B 120 23.22 -45.87 12.49
CA GLY B 120 24.67 -45.81 12.46
C GLY B 120 25.25 -44.74 11.56
N LYS B 121 24.43 -43.82 11.05
CA LYS B 121 24.87 -42.78 10.12
C LYS B 121 24.47 -41.42 10.68
N TRP B 122 25.41 -40.47 10.64
CA TRP B 122 25.11 -39.13 11.08
C TRP B 122 24.16 -38.44 10.11
N GLN B 123 23.09 -37.86 10.64
CA GLN B 123 22.11 -37.16 9.83
C GLN B 123 21.92 -35.75 10.37
N HIS B 124 21.91 -34.77 9.46
CA HIS B 124 21.75 -33.37 9.82
C HIS B 124 20.26 -33.07 9.99
N VAL B 125 19.86 -32.69 11.20
CA VAL B 125 18.44 -32.53 11.52
C VAL B 125 18.01 -31.07 11.66
N HIS B 126 18.92 -30.15 11.96
CA HIS B 126 18.53 -28.75 12.06
C HIS B 126 19.75 -27.85 11.94
N MET B 127 19.59 -26.76 11.19
CA MET B 127 20.63 -25.76 11.05
C MET B 127 20.06 -24.39 11.33
N HIS B 128 20.94 -23.48 11.74
CA HIS B 128 20.57 -22.08 11.97
C HIS B 128 21.74 -21.23 11.52
N ARG B 129 21.48 -20.34 10.56
CA ARG B 129 22.51 -19.47 10.02
C ARG B 129 22.09 -18.01 10.16
N SER B 130 23.02 -17.16 10.57
CA SER B 130 22.83 -15.73 10.58
C SER B 130 23.98 -15.09 9.82
N GLY B 131 23.75 -13.86 9.36
CA GLY B 131 24.69 -13.18 8.48
C GLY B 131 24.27 -13.34 7.03
N ALA B 132 24.39 -12.27 6.25
CA ALA B 132 23.94 -12.27 4.86
C ALA B 132 24.60 -13.37 4.04
N HIS C 3 -31.24 -11.87 1.75
CA HIS C 3 -29.83 -11.62 2.07
C HIS C 3 -29.63 -10.29 2.78
N MET C 4 -30.30 -9.25 2.25
CA MET C 4 -30.01 -7.89 2.66
C MET C 4 -30.15 -7.68 4.16
N VAL C 5 -31.04 -8.43 4.82
CA VAL C 5 -31.15 -8.33 6.27
C VAL C 5 -30.00 -9.06 6.95
N ARG C 6 -29.55 -10.18 6.37
CA ARG C 6 -28.43 -10.92 6.95
C ARG C 6 -27.13 -10.15 6.81
N LYS C 7 -26.93 -9.51 5.65
CA LYS C 7 -25.72 -8.72 5.45
C LYS C 7 -25.65 -7.54 6.41
N GLN C 8 -26.80 -6.91 6.68
CA GLN C 8 -26.82 -5.80 7.64
C GLN C 8 -26.56 -6.26 9.06
N GLU C 9 -26.82 -7.54 9.36
CA GLU C 9 -26.45 -8.06 10.67
C GLU C 9 -24.94 -8.17 10.81
N ILE C 10 -24.26 -8.64 9.75
CA ILE C 10 -22.80 -8.74 9.79
C ILE C 10 -22.16 -7.37 9.84
N ILE C 11 -22.73 -6.40 9.10
CA ILE C 11 -22.21 -5.03 9.17
C ILE C 11 -22.29 -4.50 10.59
N LYS C 12 -23.35 -4.87 11.32
CA LYS C 12 -23.59 -4.25 12.61
C LYS C 12 -22.65 -4.79 13.67
N VAL C 13 -22.44 -6.11 13.71
CA VAL C 13 -21.52 -6.67 14.70
C VAL C 13 -20.09 -6.30 14.36
N ASN C 14 -19.75 -6.19 13.07
CA ASN C 14 -18.42 -5.75 12.69
C ASN C 14 -18.18 -4.29 13.05
N GLN C 15 -19.22 -3.46 12.96
CA GLN C 15 -19.10 -2.07 13.39
C GLN C 15 -18.89 -1.99 14.91
N GLN C 16 -19.53 -2.90 15.66
CA GLN C 16 -19.34 -2.92 17.10
C GLN C 16 -17.92 -3.36 17.46
N LEU C 17 -17.37 -4.33 16.72
CA LEU C 17 -16.00 -4.76 16.96
C LEU C 17 -15.02 -3.60 16.74
N ILE C 18 -15.17 -2.89 15.62
CA ILE C 18 -14.31 -1.75 15.33
C ILE C 18 -14.58 -0.62 16.33
N GLU C 19 -15.81 -0.50 16.83
CA GLU C 19 -16.08 0.47 17.88
C GLU C 19 -15.35 0.12 19.17
N ALA C 20 -15.34 -1.17 19.55
CA ALA C 20 -14.63 -1.59 20.75
C ALA C 20 -13.14 -1.28 20.64
N ILE C 21 -12.58 -1.40 19.43
CA ILE C 21 -11.16 -1.13 19.22
C ILE C 21 -10.86 0.34 19.46
N SER C 22 -11.63 1.22 18.81
CA SER C 22 -11.41 2.67 18.97
C SER C 22 -11.61 3.10 20.41
N ASN C 23 -12.66 2.60 21.06
CA ASN C 23 -12.84 2.89 22.49
C ASN C 23 -11.72 2.29 23.32
N GLY C 24 -11.26 1.09 22.97
CA GLY C 24 -10.37 0.32 23.81
C GLY C 24 -11.09 -0.67 24.72
N ASP C 25 -12.41 -0.71 24.66
CA ASP C 25 -13.23 -1.66 25.39
C ASP C 25 -12.83 -3.10 25.03
N PHE C 26 -11.82 -3.63 25.73
CA PHE C 26 -11.35 -4.98 25.47
C PHE C 26 -12.38 -6.02 25.88
N GLU C 27 -13.29 -5.70 26.79
CA GLU C 27 -14.27 -6.68 27.25
C GLU C 27 -15.27 -7.02 26.14
N SER C 28 -15.77 -6.02 25.41
CA SER C 28 -16.68 -6.32 24.31
C SER C 28 -15.93 -6.93 23.13
N TYR C 29 -14.72 -6.46 22.86
CA TYR C 29 -13.90 -7.05 21.81
C TYR C 29 -13.72 -8.55 22.05
N THR C 30 -13.46 -8.94 23.29
CA THR C 30 -13.30 -10.36 23.62
C THR C 30 -14.57 -11.13 23.36
N LYS C 31 -15.73 -10.58 23.77
CA LYS C 31 -16.99 -11.30 23.62
C LYS C 31 -17.28 -11.63 22.16
N MET C 32 -16.95 -10.71 21.25
CA MET C 32 -17.25 -10.90 19.84
C MET C 32 -16.24 -11.79 19.12
N CYS C 33 -15.13 -12.15 19.77
CA CYS C 33 -14.07 -12.93 19.14
C CYS C 33 -14.04 -14.33 19.70
N ASP C 34 -14.01 -15.32 18.80
CA ASP C 34 -13.79 -16.69 19.23
C ASP C 34 -12.44 -16.80 19.92
N PRO C 35 -12.33 -17.58 21.00
CA PRO C 35 -11.04 -17.64 21.74
C PRO C 35 -9.87 -18.04 20.87
N GLY C 36 -10.07 -18.85 19.84
CA GLY C 36 -8.98 -19.28 18.99
C GLY C 36 -8.93 -18.58 17.65
N MET C 37 -9.31 -17.31 17.61
CA MET C 37 -9.23 -16.55 16.38
C MET C 37 -7.77 -16.35 15.98
N THR C 38 -7.54 -16.26 14.68
CA THR C 38 -6.21 -16.00 14.12
C THR C 38 -6.19 -14.62 13.48
N ALA C 39 -4.99 -14.08 13.28
CA ALA C 39 -4.85 -12.72 12.80
C ALA C 39 -3.56 -12.54 12.01
N PHE C 40 -3.69 -11.96 10.82
CA PHE C 40 -2.57 -11.36 10.09
C PHE C 40 -2.70 -9.85 10.21
N GLU C 41 -1.71 -9.21 10.82
CA GLU C 41 -1.73 -7.76 10.85
C GLU C 41 -0.31 -7.23 10.90
N PRO C 42 -0.06 -6.02 10.40
CA PRO C 42 1.32 -5.52 10.29
C PRO C 42 2.11 -5.59 11.60
N GLU C 43 1.47 -5.32 12.73
CA GLU C 43 2.17 -5.35 14.01
C GLU C 43 2.63 -6.74 14.40
N ALA C 44 2.28 -7.77 13.63
CA ALA C 44 2.74 -9.13 13.86
C ALA C 44 3.92 -9.49 12.98
N LEU C 45 4.41 -8.56 12.17
CA LEU C 45 5.65 -8.73 11.40
C LEU C 45 5.58 -9.90 10.42
N GLY C 46 4.38 -10.16 9.88
CA GLY C 46 4.21 -11.22 8.91
C GLY C 46 3.81 -12.56 9.48
N ASN C 47 3.70 -12.69 10.80
CA ASN C 47 3.35 -13.94 11.43
C ASN C 47 1.85 -14.00 11.72
N LEU C 48 1.30 -15.20 11.67
CA LEU C 48 -0.08 -15.45 12.07
C LEU C 48 -0.11 -15.67 13.58
N VAL C 49 -0.89 -14.86 14.28
CA VAL C 49 -1.01 -14.96 15.74
C VAL C 49 -2.38 -15.52 16.07
N GLU C 50 -2.43 -16.41 17.06
CA GLU C 50 -3.65 -17.08 17.47
C GLU C 50 -4.09 -16.57 18.83
N GLY C 51 -5.40 -16.47 19.01
CA GLY C 51 -5.96 -16.06 20.27
C GLY C 51 -5.87 -14.57 20.47
N LEU C 52 -6.63 -14.09 21.45
CA LEU C 52 -6.61 -12.69 21.83
C LEU C 52 -5.37 -12.32 22.63
N ASP C 53 -4.47 -13.28 22.86
CA ASP C 53 -3.29 -13.04 23.68
C ASP C 53 -2.43 -11.92 23.12
N PHE C 54 -2.09 -12.01 21.83
CA PHE C 54 -1.25 -10.98 21.21
C PHE C 54 -1.91 -9.61 21.25
N HIS C 55 -3.24 -9.56 21.27
CA HIS C 55 -3.95 -8.29 21.18
C HIS C 55 -4.14 -7.59 22.52
N ARG C 56 -4.03 -8.30 23.64
CA ARG C 56 -4.13 -7.66 24.95
C ARG C 56 -3.14 -6.52 25.08
N PHE C 57 -1.90 -6.75 24.63
CA PHE C 57 -0.83 -5.77 24.81
C PHE C 57 -1.11 -4.47 24.09
N TYR C 58 -1.88 -4.50 23.00
CA TYR C 58 -2.18 -3.29 22.26
C TYR C 58 -3.41 -2.57 22.77
N PHE C 59 -4.42 -3.29 23.25
CA PHE C 59 -5.52 -2.66 23.99
C PHE C 59 -5.00 -2.07 25.29
N GLU C 60 -4.44 -2.91 26.16
CA GLU C 60 -4.15 -2.53 27.54
C GLU C 60 -3.10 -1.42 27.63
N ASN C 61 -2.16 -1.37 26.70
CA ASN C 61 -1.06 -0.41 26.76
C ASN C 61 -1.21 0.73 25.75
N LEU C 62 -2.31 0.79 25.01
CA LEU C 62 -2.51 1.90 24.08
C LEU C 62 -3.96 2.38 24.06
N TRP C 63 -4.80 1.72 23.24
CA TRP C 63 -6.12 2.23 22.91
C TRP C 63 -6.94 2.63 24.13
N SER C 64 -6.57 2.15 25.33
CA SER C 64 -7.17 2.69 26.54
C SER C 64 -6.70 4.12 26.81
N ARG C 65 -5.44 4.42 26.46
CA ARG C 65 -4.66 5.59 26.86
C ARG C 65 -5.40 6.76 27.51
N ASN C 66 -5.41 7.89 26.82
CA ASN C 66 -5.85 9.14 27.43
C ASN C 66 -7.08 9.72 26.74
N SER C 67 -7.89 8.87 26.11
CA SER C 67 -9.25 9.17 25.67
C SER C 67 -9.35 10.20 24.57
N LYS C 68 -8.26 10.51 23.86
CA LYS C 68 -8.35 11.39 22.72
C LYS C 68 -9.27 10.78 21.67
N PRO C 69 -9.92 11.59 20.85
CA PRO C 69 -10.96 11.07 19.95
C PRO C 69 -10.38 10.20 18.84
N VAL C 70 -11.10 9.12 18.54
CA VAL C 70 -10.75 8.19 17.47
C VAL C 70 -12.03 7.79 16.75
N HIS C 71 -12.09 8.05 15.45
CA HIS C 71 -13.24 7.68 14.63
C HIS C 71 -12.80 6.66 13.58
N ASN C 72 -13.61 5.62 13.41
CA ASN C 72 -13.34 4.55 12.47
C ASN C 72 -14.52 4.39 11.53
N THR C 73 -14.23 4.27 10.24
CA THR C 73 -15.26 4.20 9.21
C THR C 73 -15.01 2.96 8.34
N MET C 74 -16.05 2.18 8.12
CA MET C 74 -16.03 1.10 7.15
C MET C 74 -16.50 1.64 5.82
N LEU C 75 -15.63 1.56 4.80
CA LEU C 75 -15.93 2.09 3.48
C LEU C 75 -16.44 0.98 2.58
N ASN C 76 -17.67 1.17 2.06
CA ASN C 76 -18.35 0.28 1.12
C ASN C 76 -18.03 -1.19 1.40
N PRO C 77 -18.52 -1.74 2.50
CA PRO C 77 -18.18 -3.13 2.83
C PRO C 77 -18.74 -4.11 1.82
N HIS C 78 -17.95 -5.12 1.49
CA HIS C 78 -18.38 -6.23 0.66
C HIS C 78 -18.53 -7.45 1.56
N ILE C 79 -19.68 -8.12 1.46
CA ILE C 79 -20.01 -9.23 2.36
C ILE C 79 -20.28 -10.47 1.52
N HIS C 80 -19.65 -11.58 1.90
CA HIS C 80 -19.92 -12.89 1.33
C HIS C 80 -20.64 -13.72 2.38
N LEU C 81 -21.85 -14.16 2.06
CA LEU C 81 -22.61 -15.05 2.93
C LEU C 81 -22.38 -16.49 2.48
N MET C 82 -22.00 -17.34 3.42
CA MET C 82 -21.68 -18.74 3.14
C MET C 82 -22.58 -19.61 4.01
N GLY C 83 -23.81 -19.82 3.54
CA GLY C 83 -24.82 -20.51 4.31
C GLY C 83 -25.60 -19.56 5.20
N ASP C 84 -26.01 -20.04 6.38
CA ASP C 84 -26.64 -19.19 7.39
C ASP C 84 -25.82 -19.12 8.66
N GLU C 85 -24.55 -19.53 8.60
CA GLU C 85 -23.72 -19.65 9.79
C GLU C 85 -22.30 -19.11 9.59
N SER C 86 -22.02 -18.49 8.44
CA SER C 86 -20.66 -18.08 8.11
C SER C 86 -20.72 -16.84 7.21
N ALA C 87 -19.80 -15.91 7.45
CA ALA C 87 -19.74 -14.70 6.64
C ALA C 87 -18.31 -14.18 6.59
N CYS C 88 -17.96 -13.58 5.46
CA CYS C 88 -16.70 -12.88 5.29
C CYS C 88 -16.98 -11.46 4.83
N ILE C 89 -16.41 -10.49 5.53
CA ILE C 89 -16.64 -9.08 5.23
C ILE C 89 -15.30 -8.41 4.97
N ALA C 90 -15.24 -7.60 3.91
CA ALA C 90 -14.01 -6.94 3.49
C ALA C 90 -14.31 -5.47 3.19
N TYR C 91 -13.39 -4.60 3.59
CA TYR C 91 -13.66 -3.17 3.51
C TYR C 91 -12.35 -2.41 3.67
N ILE C 92 -12.34 -1.17 3.18
CA ILE C 92 -11.32 -0.20 3.55
C ILE C 92 -11.71 0.42 4.88
N ARG C 93 -10.77 0.43 5.83
CA ARG C 93 -11.00 1.05 7.12
C ARG C 93 -10.26 2.39 7.19
N ILE C 94 -11.00 3.44 7.52
CA ILE C 94 -10.44 4.78 7.66
C ILE C 94 -10.50 5.13 9.14
N THR C 95 -9.33 5.31 9.75
CA THR C 95 -9.21 5.65 11.16
C THR C 95 -8.77 7.11 11.26
N GLN C 96 -9.65 7.95 11.78
CA GLN C 96 -9.32 9.34 12.07
C GLN C 96 -8.82 9.45 13.50
N TYR C 97 -7.72 10.19 13.68
CA TYR C 97 -7.12 10.32 15.00
C TYR C 97 -6.46 11.68 15.11
N LEU C 98 -6.03 12.02 16.32
CA LEU C 98 -5.26 13.23 16.59
C LEU C 98 -3.84 12.83 16.94
N ASP C 99 -2.86 13.41 16.24
CA ASP C 99 -1.47 13.13 16.56
C ASP C 99 -1.08 13.83 17.86
N ALA C 100 0.15 13.55 18.31
CA ALA C 100 0.75 14.36 19.36
C ALA C 100 0.97 15.76 18.81
N GLY C 101 0.11 16.70 19.22
CA GLY C 101 0.11 18.03 18.65
C GLY C 101 -1.29 18.49 18.33
N GLY C 102 -2.24 17.55 18.30
CA GLY C 102 -3.63 17.86 18.13
C GLY C 102 -4.12 18.00 16.69
N ILE C 103 -3.28 17.66 15.72
CA ILE C 103 -3.68 17.80 14.31
C ILE C 103 -4.48 16.57 13.90
N PRO C 104 -5.68 16.73 13.33
CA PRO C 104 -6.45 15.58 12.87
C PRO C 104 -5.79 14.91 11.67
N ARG C 105 -5.62 13.59 11.76
CA ARG C 105 -4.98 12.81 10.72
C ARG C 105 -5.82 11.57 10.42
N THR C 106 -5.52 10.95 9.28
CA THR C 106 -6.25 9.78 8.82
C THR C 106 -5.28 8.66 8.47
N ALA C 107 -5.71 7.43 8.74
CA ALA C 107 -4.95 6.23 8.40
C ALA C 107 -5.86 5.24 7.71
N GLN C 108 -5.34 4.59 6.67
CA GLN C 108 -6.10 3.64 5.88
C GLN C 108 -5.56 2.23 6.08
N SER C 109 -6.47 1.26 6.18
CA SER C 109 -6.09 -0.14 6.20
C SER C 109 -7.14 -0.96 5.47
N GLU C 110 -6.70 -2.06 4.88
CA GLU C 110 -7.59 -3.03 4.27
C GLU C 110 -7.82 -4.16 5.27
N GLU C 111 -9.08 -4.53 5.47
CA GLU C 111 -9.42 -5.48 6.52
C GLU C 111 -10.32 -6.57 5.97
N THR C 112 -9.92 -7.82 6.20
CA THR C 112 -10.75 -8.99 5.99
C THR C 112 -11.09 -9.56 7.36
N ARG C 113 -12.37 -9.75 7.64
CA ARG C 113 -12.82 -10.31 8.91
C ARG C 113 -13.82 -11.41 8.64
N VAL C 114 -13.54 -12.60 9.17
CA VAL C 114 -14.36 -13.78 8.94
C VAL C 114 -15.15 -14.06 10.22
N TRP C 115 -16.45 -14.30 10.05
CA TRP C 115 -17.37 -14.47 11.18
C TRP C 115 -18.05 -15.82 11.12
N HIS C 116 -18.25 -16.43 12.29
CA HIS C 116 -18.87 -17.73 12.42
C HIS C 116 -20.02 -17.62 13.41
N ARG C 117 -21.20 -18.13 13.03
CA ARG C 117 -22.36 -18.13 13.91
C ARG C 117 -22.28 -19.36 14.80
N ARG C 118 -21.91 -19.14 16.07
CA ARG C 118 -21.74 -20.22 17.04
C ARG C 118 -22.73 -20.01 18.18
N ASP C 119 -23.70 -20.92 18.28
CA ASP C 119 -24.68 -20.91 19.37
C ASP C 119 -25.41 -19.58 19.46
N GLY C 120 -25.98 -19.15 18.33
CA GLY C 120 -26.81 -17.97 18.32
C GLY C 120 -26.05 -16.68 18.09
N LYS C 121 -24.81 -16.61 18.56
CA LYS C 121 -24.03 -15.38 18.52
C LYS C 121 -22.97 -15.47 17.41
N TRP C 122 -22.74 -14.34 16.74
CA TRP C 122 -21.67 -14.26 15.76
C TRP C 122 -20.32 -14.18 16.46
N GLN C 123 -19.35 -14.94 15.97
CA GLN C 123 -18.03 -14.98 16.55
C GLN C 123 -16.98 -14.66 15.49
N HIS C 124 -16.06 -13.76 15.82
CA HIS C 124 -14.98 -13.38 14.94
C HIS C 124 -13.89 -14.44 14.98
N VAL C 125 -13.61 -15.07 13.84
CA VAL C 125 -12.75 -16.25 13.81
C VAL C 125 -11.42 -15.99 13.11
N HIS C 126 -11.35 -15.02 12.18
CA HIS C 126 -10.08 -14.73 11.54
C HIS C 126 -10.12 -13.32 10.96
N MET C 127 -9.02 -12.60 11.11
CA MET C 127 -8.87 -11.29 10.53
C MET C 127 -7.57 -11.19 9.75
N HIS C 128 -7.57 -10.33 8.74
CA HIS C 128 -6.38 -10.04 7.96
C HIS C 128 -6.37 -8.54 7.69
N ARG C 129 -5.36 -7.86 8.19
CA ARG C 129 -5.24 -6.41 8.04
C ARG C 129 -3.94 -6.08 7.34
N SER C 130 -4.00 -5.16 6.39
CA SER C 130 -2.83 -4.61 5.74
C SER C 130 -2.96 -3.09 5.71
N GLY C 131 -1.81 -2.41 5.72
CA GLY C 131 -1.82 -0.96 5.67
C GLY C 131 -0.98 -0.30 6.74
N ALA C 132 -1.53 0.73 7.37
CA ALA C 132 -0.82 1.49 8.39
C ALA C 132 -0.47 0.63 9.61
N HIS D 3 -17.92 47.01 -22.04
CA HIS D 3 -16.91 47.37 -23.02
C HIS D 3 -16.36 46.12 -23.71
N MET D 4 -17.24 45.16 -23.97
CA MET D 4 -16.83 43.87 -24.50
C MET D 4 -16.31 43.96 -25.92
N VAL D 5 -16.62 45.03 -26.64
CA VAL D 5 -16.18 45.15 -28.03
C VAL D 5 -14.69 45.46 -28.09
N ARG D 6 -14.26 46.52 -27.41
CA ARG D 6 -12.86 46.92 -27.48
C ARG D 6 -11.96 45.94 -26.74
N LYS D 7 -12.50 45.22 -25.75
CA LYS D 7 -11.73 44.17 -25.10
C LYS D 7 -11.46 42.99 -26.04
N GLN D 8 -12.39 42.72 -26.95
CA GLN D 8 -12.22 41.61 -27.88
C GLN D 8 -11.10 41.88 -28.87
N GLU D 9 -10.81 43.16 -29.15
CA GLU D 9 -9.71 43.50 -30.05
C GLU D 9 -8.36 43.27 -29.38
N ILE D 10 -8.27 43.53 -28.07
CA ILE D 10 -7.01 43.33 -27.36
C ILE D 10 -6.65 41.86 -27.32
N ILE D 11 -7.65 40.99 -27.12
CA ILE D 11 -7.40 39.55 -27.16
C ILE D 11 -6.89 39.13 -28.53
N LYS D 12 -7.43 39.74 -29.59
CA LYS D 12 -7.06 39.36 -30.95
C LYS D 12 -5.61 39.70 -31.25
N VAL D 13 -5.19 40.93 -30.95
CA VAL D 13 -3.82 41.32 -31.25
C VAL D 13 -2.84 40.59 -30.33
N ASN D 14 -3.24 40.35 -29.08
CA ASN D 14 -2.41 39.56 -28.19
C ASN D 14 -2.32 38.11 -28.65
N GLN D 15 -3.36 37.61 -29.31
CA GLN D 15 -3.34 36.25 -29.83
C GLN D 15 -2.36 36.13 -30.99
N GLN D 16 -2.28 37.15 -31.85
CA GLN D 16 -1.32 37.14 -32.93
C GLN D 16 0.10 37.20 -32.41
N LEU D 17 0.33 37.90 -31.29
CA LEU D 17 1.66 37.96 -30.69
C LEU D 17 2.11 36.57 -30.26
N ILE D 18 1.26 35.85 -29.53
CA ILE D 18 1.60 34.51 -29.08
C ILE D 18 1.88 33.60 -30.29
N GLU D 19 1.07 33.73 -31.35
CA GLU D 19 1.27 32.92 -32.54
C GLU D 19 2.61 33.22 -33.20
N ALA D 20 2.91 34.51 -33.41
CA ALA D 20 4.21 34.88 -33.96
C ALA D 20 5.35 34.38 -33.09
N ILE D 21 5.12 34.29 -31.77
CA ILE D 21 6.11 33.70 -30.88
C ILE D 21 6.09 32.17 -31.01
N SER D 22 4.89 31.59 -31.13
CA SER D 22 4.75 30.13 -31.02
C SER D 22 5.33 29.40 -32.23
N ASN D 23 5.55 30.08 -33.36
CA ASN D 23 6.10 29.45 -34.54
C ASN D 23 7.52 29.87 -34.85
N GLY D 24 8.04 30.89 -34.19
CA GLY D 24 9.39 31.36 -34.46
C GLY D 24 9.50 32.47 -35.48
N ASP D 25 8.44 33.25 -35.69
CA ASP D 25 8.44 34.33 -36.66
C ASP D 25 8.80 35.63 -35.94
N PHE D 26 10.01 36.14 -36.19
CA PHE D 26 10.49 37.29 -35.44
C PHE D 26 10.08 38.60 -36.07
N GLU D 27 9.84 38.63 -37.39
CA GLU D 27 9.53 39.89 -38.04
C GLU D 27 8.11 40.36 -37.74
N SER D 28 7.17 39.42 -37.56
CA SER D 28 5.85 39.80 -37.06
C SER D 28 5.95 40.29 -35.64
N TYR D 29 6.75 39.62 -34.80
CA TYR D 29 7.00 40.07 -33.45
C TYR D 29 7.56 41.49 -33.42
N THR D 30 8.58 41.75 -34.24
CA THR D 30 9.20 43.07 -34.27
C THR D 30 8.24 44.14 -34.76
N LYS D 31 7.31 43.77 -35.66
CA LYS D 31 6.32 44.73 -36.13
C LYS D 31 5.35 45.12 -35.03
N MET D 32 4.95 44.15 -34.21
CA MET D 32 3.96 44.38 -33.16
C MET D 32 4.57 44.91 -31.86
N CYS D 33 5.88 44.96 -31.75
CA CYS D 33 6.55 45.36 -30.52
C CYS D 33 7.17 46.75 -30.68
N ASP D 34 6.85 47.63 -29.73
CA ASP D 34 7.55 48.91 -29.65
C ASP D 34 9.05 48.65 -29.46
N PRO D 35 9.91 49.40 -30.16
CA PRO D 35 11.36 49.15 -30.02
C PRO D 35 11.87 49.32 -28.61
N GLY D 36 11.16 50.03 -27.74
CA GLY D 36 11.57 50.18 -26.36
C GLY D 36 10.75 49.31 -25.42
N MET D 37 10.38 48.13 -25.88
CA MET D 37 9.59 47.22 -25.04
C MET D 37 10.45 46.62 -23.94
N THR D 38 9.88 46.54 -22.73
CA THR D 38 10.56 45.97 -21.58
C THR D 38 9.88 44.66 -21.17
N ALA D 39 10.62 43.84 -20.43
CA ALA D 39 10.14 42.50 -20.09
C ALA D 39 10.74 42.02 -18.79
N PHE D 40 9.88 41.59 -17.87
CA PHE D 40 10.24 40.69 -16.79
C PHE D 40 9.82 39.29 -17.19
N GLU D 41 10.75 38.33 -17.12
CA GLU D 41 10.41 36.95 -17.43
C GLU D 41 11.45 36.05 -16.77
N PRO D 42 11.10 34.77 -16.52
CA PRO D 42 12.05 33.88 -15.83
C PRO D 42 13.41 33.79 -16.51
N GLU D 43 13.45 33.85 -17.84
CA GLU D 43 14.72 33.75 -18.55
C GLU D 43 15.60 34.98 -18.35
N ALA D 44 15.05 36.08 -17.86
CA ALA D 44 15.82 37.27 -17.56
C ALA D 44 16.40 37.25 -16.15
N LEU D 45 16.13 36.20 -15.37
CA LEU D 45 16.73 36.00 -14.06
C LEU D 45 16.43 37.16 -13.11
N GLY D 46 15.23 37.72 -13.22
CA GLY D 46 14.80 38.78 -12.32
C GLY D 46 15.15 40.18 -12.73
N ASN D 47 15.64 40.39 -13.94
CA ASN D 47 16.01 41.72 -14.42
C ASN D 47 15.03 42.19 -15.49
N LEU D 48 14.85 43.51 -15.56
CA LEU D 48 14.07 44.12 -16.63
C LEU D 48 14.96 44.27 -17.86
N VAL D 49 14.48 43.78 -19.00
CA VAL D 49 15.29 43.72 -20.21
C VAL D 49 14.51 44.31 -21.38
N GLU D 50 15.24 44.93 -22.30
CA GLU D 50 14.69 45.28 -23.61
C GLU D 50 14.36 44.00 -24.36
N GLY D 51 13.07 43.79 -24.63
CA GLY D 51 12.63 42.47 -25.09
C GLY D 51 13.17 42.09 -26.46
N LEU D 52 13.22 43.06 -27.38
CA LEU D 52 13.58 42.74 -28.76
C LEU D 52 15.02 42.26 -28.86
N ASP D 53 15.95 42.91 -28.16
CA ASP D 53 17.33 42.44 -28.18
C ASP D 53 17.50 41.12 -27.44
N PHE D 54 16.70 40.89 -26.41
CA PHE D 54 16.82 39.68 -25.60
C PHE D 54 16.15 38.48 -26.25
N HIS D 55 15.03 38.70 -26.93
CA HIS D 55 14.25 37.58 -27.47
C HIS D 55 14.78 37.07 -28.79
N ARG D 56 15.55 37.87 -29.53
CA ARG D 56 16.04 37.43 -30.84
C ARG D 56 16.93 36.20 -30.70
N PHE D 57 17.58 36.02 -29.55
CA PHE D 57 18.35 34.81 -29.31
C PHE D 57 17.44 33.59 -29.21
N TYR D 58 16.28 33.75 -28.55
CA TYR D 58 15.34 32.64 -28.44
C TYR D 58 14.60 32.40 -29.75
N PHE D 59 14.57 33.38 -30.66
CA PHE D 59 13.99 33.19 -31.97
C PHE D 59 14.98 32.62 -32.98
N GLU D 60 16.28 32.86 -32.78
CA GLU D 60 17.30 32.31 -33.66
C GLU D 60 17.74 30.90 -33.29
N ASN D 61 17.27 30.37 -32.16
CA ASN D 61 17.76 29.08 -31.70
C ASN D 61 16.65 28.19 -31.14
N LEU D 62 15.97 28.63 -30.08
CA LEU D 62 14.94 27.80 -29.47
C LEU D 62 13.75 27.65 -30.41
N TRP D 63 13.35 28.70 -31.09
CA TRP D 63 12.18 28.67 -31.95
C TRP D 63 12.56 28.80 -33.42
N PRO D 69 4.66 20.99 -33.09
CA PRO D 69 3.74 20.32 -32.17
C PRO D 69 3.65 21.03 -30.81
N VAL D 70 3.08 22.24 -30.82
CA VAL D 70 2.95 23.07 -29.63
C VAL D 70 1.58 23.72 -29.64
N HIS D 71 0.91 23.72 -28.49
CA HIS D 71 -0.43 24.28 -28.35
C HIS D 71 -0.44 25.22 -27.15
N ASN D 72 -0.53 26.53 -27.42
CA ASN D 72 -0.69 27.52 -26.36
C ASN D 72 -2.16 27.82 -26.15
N THR D 73 -2.52 28.11 -24.90
CA THR D 73 -3.90 28.37 -24.53
C THR D 73 -3.96 29.48 -23.50
N MET D 74 -4.80 30.48 -23.75
CA MET D 74 -4.96 31.64 -22.88
C MET D 74 -6.20 31.42 -22.02
N LEU D 75 -6.00 31.22 -20.72
CA LEU D 75 -7.08 30.99 -19.78
C LEU D 75 -7.47 32.29 -19.10
N ASN D 76 -8.77 32.54 -19.02
CA ASN D 76 -9.33 33.59 -18.17
C ASN D 76 -8.69 34.96 -18.45
N PRO D 77 -8.72 35.44 -19.69
CA PRO D 77 -8.08 36.73 -19.98
C PRO D 77 -8.86 37.87 -19.35
N HIS D 78 -8.18 38.67 -18.54
CA HIS D 78 -8.77 39.82 -17.89
C HIS D 78 -8.15 41.07 -18.48
N ILE D 79 -8.98 41.95 -19.02
CA ILE D 79 -8.53 43.11 -19.78
C ILE D 79 -8.97 44.36 -19.05
N HIS D 80 -8.01 45.23 -18.74
CA HIS D 80 -8.28 46.56 -18.20
C HIS D 80 -8.12 47.56 -19.35
N LEU D 81 -9.22 48.19 -19.75
CA LEU D 81 -9.18 49.21 -20.79
C LEU D 81 -8.88 50.56 -20.17
N MET D 82 -7.99 51.33 -20.82
CA MET D 82 -7.49 52.59 -20.27
C MET D 82 -7.43 53.62 -21.40
N GLY D 83 -8.59 54.22 -21.70
CA GLY D 83 -8.66 55.21 -22.74
C GLY D 83 -8.59 54.59 -24.13
N ASP D 84 -8.31 55.46 -25.10
CA ASP D 84 -8.20 55.05 -26.49
C ASP D 84 -6.81 54.54 -26.86
N GLU D 85 -5.83 54.70 -25.98
CA GLU D 85 -4.44 54.44 -26.35
C GLU D 85 -3.84 53.19 -25.73
N SER D 86 -4.32 52.74 -24.57
CA SER D 86 -3.64 51.67 -23.85
C SER D 86 -4.65 50.72 -23.20
N ALA D 87 -4.21 49.48 -23.01
CA ALA D 87 -4.97 48.46 -22.32
C ALA D 87 -4.01 47.46 -21.70
N CYS D 88 -4.45 46.80 -20.64
CA CYS D 88 -3.66 45.80 -19.94
C CYS D 88 -4.44 44.49 -19.90
N ILE D 89 -3.79 43.40 -20.33
CA ILE D 89 -4.42 42.09 -20.39
C ILE D 89 -3.58 41.11 -19.58
N ALA D 90 -4.23 40.40 -18.65
CA ALA D 90 -3.58 39.46 -17.76
C ALA D 90 -4.28 38.10 -17.88
N TYR D 91 -3.48 37.03 -17.88
CA TYR D 91 -4.02 35.70 -18.13
C TYR D 91 -3.02 34.64 -17.71
N ILE D 92 -3.55 33.47 -17.37
CA ILE D 92 -2.73 32.27 -17.24
C ILE D 92 -2.52 31.68 -18.62
N ARG D 93 -1.28 31.32 -18.92
CA ARG D 93 -0.91 30.77 -20.22
C ARG D 93 -0.52 29.31 -20.03
N ILE D 94 -1.23 28.41 -20.71
CA ILE D 94 -0.99 26.98 -20.65
C ILE D 94 -0.32 26.55 -21.95
N THR D 95 0.77 25.79 -21.83
CA THR D 95 1.56 25.38 -22.98
C THR D 95 1.69 23.86 -22.97
N GLN D 96 1.20 23.22 -24.04
CA GLN D 96 1.34 21.79 -24.24
C GLN D 96 2.40 21.56 -25.32
N TYR D 97 3.39 20.73 -25.01
CA TYR D 97 4.56 20.59 -25.87
C TYR D 97 5.09 19.16 -25.82
N LEU D 98 5.99 18.87 -26.76
CA LEU D 98 6.70 17.59 -26.82
C LEU D 98 8.10 17.81 -26.28
N ASP D 99 8.48 17.02 -25.27
CA ASP D 99 9.71 17.24 -24.51
C ASP D 99 10.91 16.50 -25.08
N ALA D 100 11.05 16.45 -26.41
CA ALA D 100 12.18 15.80 -27.09
C ALA D 100 12.23 14.29 -26.84
N GLY D 101 11.58 13.83 -25.79
CA GLY D 101 11.38 12.42 -25.54
C GLY D 101 10.07 11.86 -26.08
N GLY D 102 9.31 12.70 -26.79
CA GLY D 102 8.04 12.30 -27.34
C GLY D 102 6.85 12.44 -26.41
N ILE D 103 7.09 12.68 -25.12
CA ILE D 103 6.02 12.71 -24.13
C ILE D 103 5.39 14.10 -24.08
N PRO D 104 4.06 14.19 -24.05
CA PRO D 104 3.42 15.50 -23.88
C PRO D 104 3.55 16.00 -22.44
N ARG D 105 4.03 17.23 -22.30
CA ARG D 105 4.09 17.90 -21.02
C ARG D 105 3.26 19.18 -21.08
N THR D 106 2.96 19.72 -19.90
CA THR D 106 2.19 20.95 -19.79
C THR D 106 2.93 21.90 -18.86
N ALA D 107 3.05 23.16 -19.28
CA ALA D 107 3.68 24.20 -18.48
C ALA D 107 2.70 25.37 -18.33
N GLN D 108 2.71 25.98 -17.15
CA GLN D 108 1.88 27.14 -16.87
C GLN D 108 2.75 28.36 -16.62
N SER D 109 2.34 29.49 -17.19
CA SER D 109 2.92 30.78 -16.84
C SER D 109 1.81 31.80 -16.70
N GLU D 110 2.04 32.79 -15.85
CA GLU D 110 1.16 33.93 -15.71
C GLU D 110 1.78 35.10 -16.48
N GLU D 111 1.00 35.69 -17.37
CA GLU D 111 1.50 36.77 -18.23
C GLU D 111 0.65 38.01 -18.07
N THR D 112 1.32 39.14 -17.89
CA THR D 112 0.74 40.47 -18.01
C THR D 112 1.34 41.12 -19.25
N ARG D 113 0.49 41.68 -20.10
CA ARG D 113 0.94 42.33 -21.34
C ARG D 113 0.27 43.68 -21.46
N VAL D 114 1.08 44.72 -21.67
CA VAL D 114 0.59 46.08 -21.83
C VAL D 114 0.71 46.47 -23.29
N TRP D 115 -0.34 47.06 -23.85
CA TRP D 115 -0.40 47.45 -25.25
C TRP D 115 -0.65 48.95 -25.37
N HIS D 116 -0.02 49.57 -26.36
CA HIS D 116 -0.21 50.98 -26.65
C HIS D 116 -0.52 51.16 -28.13
N ARG D 117 -1.52 51.98 -28.42
CA ARG D 117 -1.90 52.31 -29.80
C ARG D 117 -1.48 53.76 -30.04
N ARG D 118 -0.35 53.93 -30.71
CA ARG D 118 0.28 55.22 -30.92
C ARG D 118 -0.08 55.85 -32.25
N ASP D 119 0.11 55.12 -33.35
CA ASP D 119 -0.21 55.62 -34.68
C ASP D 119 -1.22 54.71 -35.37
N GLY D 120 -2.36 54.48 -34.72
CA GLY D 120 -3.40 53.62 -35.23
C GLY D 120 -3.23 52.15 -34.92
N LYS D 121 -2.00 51.67 -34.87
CA LYS D 121 -1.71 50.26 -34.65
C LYS D 121 -1.38 50.00 -33.19
N TRP D 122 -1.76 48.81 -32.72
CA TRP D 122 -1.41 48.37 -31.38
C TRP D 122 0.01 47.83 -31.37
N GLN D 123 0.83 48.32 -30.43
CA GLN D 123 2.19 47.84 -30.26
C GLN D 123 2.42 47.42 -28.82
N HIS D 124 3.13 46.31 -28.64
CA HIS D 124 3.39 45.79 -27.31
C HIS D 124 4.44 46.63 -26.60
N VAL D 125 4.15 47.02 -25.37
CA VAL D 125 4.96 47.99 -24.62
C VAL D 125 5.69 47.32 -23.45
N HIS D 126 5.01 46.49 -22.68
CA HIS D 126 5.62 45.87 -21.52
C HIS D 126 4.95 44.54 -21.22
N MET D 127 5.77 43.53 -20.94
CA MET D 127 5.29 42.21 -20.56
C MET D 127 5.92 41.78 -19.24
N HIS D 128 5.16 41.02 -18.45
CA HIS D 128 5.65 40.44 -17.22
C HIS D 128 5.15 39.00 -17.15
N ARG D 129 6.08 38.05 -17.17
CA ARG D 129 5.75 36.64 -17.10
C ARG D 129 6.46 36.00 -15.92
N SER D 130 5.74 35.11 -15.23
CA SER D 130 6.31 34.31 -14.15
C SER D 130 5.76 32.90 -14.25
N GLY D 131 6.36 31.99 -13.48
CA GLY D 131 5.87 30.66 -13.30
C GLY D 131 6.61 29.58 -14.07
N ALA D 132 7.19 29.92 -15.22
CA ALA D 132 7.89 28.93 -16.04
C ALA D 132 8.90 29.59 -16.97
N ARG E 6 -29.95 32.25 -11.62
CA ARG E 6 -29.66 30.82 -11.44
C ARG E 6 -28.27 30.61 -10.84
N LYS E 7 -27.25 30.81 -11.66
CA LYS E 7 -25.89 30.50 -11.27
C LYS E 7 -25.47 31.24 -10.00
N GLN E 8 -25.94 32.48 -9.82
CA GLN E 8 -25.62 33.22 -8.61
C GLN E 8 -26.24 32.59 -7.37
N GLU E 9 -27.27 31.77 -7.53
CA GLU E 9 -27.82 31.05 -6.39
C GLU E 9 -26.91 29.89 -5.99
N ILE E 10 -26.27 29.25 -6.97
CA ILE E 10 -25.33 28.17 -6.67
C ILE E 10 -24.06 28.74 -6.02
N ILE E 11 -23.56 29.85 -6.56
CA ILE E 11 -22.42 30.52 -5.94
C ILE E 11 -22.76 30.92 -4.52
N LYS E 12 -23.99 31.38 -4.29
CA LYS E 12 -24.39 31.83 -2.97
C LYS E 12 -24.33 30.69 -1.96
N VAL E 13 -25.05 29.59 -2.23
CA VAL E 13 -25.09 28.49 -1.27
C VAL E 13 -23.72 27.84 -1.14
N ASN E 14 -22.94 27.79 -2.22
CA ASN E 14 -21.59 27.24 -2.11
C ASN E 14 -20.71 28.12 -1.21
N GLN E 15 -20.89 29.44 -1.27
CA GLN E 15 -20.15 30.33 -0.39
C GLN E 15 -20.52 30.10 1.07
N GLN E 16 -21.81 29.86 1.33
CA GLN E 16 -22.25 29.59 2.70
C GLN E 16 -21.62 28.31 3.23
N LEU E 17 -21.54 27.28 2.39
CA LEU E 17 -20.95 26.01 2.82
C LEU E 17 -19.49 26.19 3.20
N ILE E 18 -18.72 26.86 2.33
CA ILE E 18 -17.31 27.12 2.63
C ILE E 18 -17.18 27.97 3.88
N GLU E 19 -18.04 28.98 4.02
CA GLU E 19 -18.02 29.81 5.24
C GLU E 19 -18.41 28.99 6.47
N ALA E 20 -19.30 28.01 6.32
CA ALA E 20 -19.60 27.12 7.43
C ALA E 20 -18.40 26.25 7.77
N ILE E 21 -17.66 25.80 6.75
CA ILE E 21 -16.43 25.06 6.99
C ILE E 21 -15.43 25.91 7.77
N SER E 22 -15.27 27.17 7.36
CA SER E 22 -14.30 28.05 8.00
C SER E 22 -14.66 28.30 9.46
N ASN E 23 -15.94 28.60 9.72
CA ASN E 23 -16.38 28.94 11.07
C ASN E 23 -16.49 27.72 11.99
N GLY E 24 -16.29 26.51 11.47
CA GLY E 24 -16.59 25.33 12.25
C GLY E 24 -18.07 25.19 12.56
N ASP E 25 -18.93 25.76 11.72
CA ASP E 25 -20.38 25.78 11.94
C ASP E 25 -20.97 24.49 11.37
N PHE E 26 -20.95 23.44 12.20
CA PHE E 26 -21.39 22.13 11.72
C PHE E 26 -22.89 22.06 11.55
N GLU E 27 -23.65 22.87 12.30
CA GLU E 27 -25.10 22.84 12.18
C GLU E 27 -25.55 23.32 10.81
N SER E 28 -25.04 24.48 10.37
CA SER E 28 -25.36 24.96 9.03
C SER E 28 -24.80 24.04 7.96
N TYR E 29 -23.68 23.36 8.25
CA TYR E 29 -23.10 22.43 7.29
C TYR E 29 -24.02 21.23 7.08
N THR E 30 -24.53 20.66 8.16
CA THR E 30 -25.45 19.53 8.03
C THR E 30 -26.74 19.95 7.32
N LYS E 31 -27.21 21.17 7.58
CA LYS E 31 -28.43 21.64 6.95
C LYS E 31 -28.26 21.75 5.43
N MET E 32 -27.06 22.03 4.96
CA MET E 32 -26.83 22.19 3.53
C MET E 32 -26.45 20.89 2.83
N CYS E 33 -26.06 19.86 3.57
CA CYS E 33 -25.51 18.64 2.97
C CYS E 33 -26.51 17.50 3.06
N ASP E 34 -26.67 16.79 1.95
CA ASP E 34 -27.43 15.55 1.97
C ASP E 34 -26.73 14.54 2.87
N PRO E 35 -27.46 13.88 3.78
CA PRO E 35 -26.81 12.90 4.68
C PRO E 35 -26.17 11.74 3.93
N GLY E 36 -26.47 11.56 2.65
CA GLY E 36 -25.84 10.51 1.87
C GLY E 36 -24.83 11.03 0.87
N MET E 37 -24.30 12.23 1.10
CA MET E 37 -23.32 12.80 0.19
C MET E 37 -22.04 11.98 0.19
N THR E 38 -21.31 12.07 -0.91
CA THR E 38 -20.00 11.46 -1.04
C THR E 38 -18.93 12.54 -1.18
N ALA E 39 -17.67 12.16 -0.95
CA ALA E 39 -16.59 13.13 -1.00
C ALA E 39 -15.29 12.45 -1.43
N PHE E 40 -14.61 13.06 -2.39
CA PHE E 40 -13.20 12.77 -2.68
C PHE E 40 -12.36 13.90 -2.11
N GLU E 41 -11.49 13.57 -1.16
CA GLU E 41 -10.67 14.59 -0.49
C GLU E 41 -9.29 14.04 -0.19
N PRO E 42 -8.26 14.90 -0.22
CA PRO E 42 -6.91 14.44 0.14
C PRO E 42 -6.84 13.74 1.49
N GLU E 43 -7.54 14.28 2.50
CA GLU E 43 -7.54 13.64 3.82
C GLU E 43 -8.09 12.21 3.77
N ALA E 44 -8.91 11.91 2.78
CA ALA E 44 -9.48 10.57 2.66
C ALA E 44 -8.49 9.56 2.09
N LEU E 45 -7.30 10.00 1.68
CA LEU E 45 -6.24 9.12 1.20
C LEU E 45 -6.65 8.40 -0.07
N GLY E 46 -7.35 9.10 -0.95
CA GLY E 46 -7.76 8.53 -2.22
C GLY E 46 -8.97 7.62 -2.15
N ASN E 47 -9.81 7.76 -1.13
CA ASN E 47 -11.00 6.95 -0.99
C ASN E 47 -12.24 7.84 -1.08
N LEU E 48 -13.35 7.23 -1.46
CA LEU E 48 -14.63 7.91 -1.49
C LEU E 48 -15.33 7.70 -0.15
N VAL E 49 -15.61 8.81 0.54
CA VAL E 49 -16.28 8.75 1.83
C VAL E 49 -17.74 9.14 1.64
N GLU E 50 -18.63 8.41 2.30
CA GLU E 50 -20.06 8.71 2.29
C GLU E 50 -20.48 9.19 3.67
N GLY E 51 -21.41 10.13 3.70
CA GLY E 51 -21.99 10.59 4.95
C GLY E 51 -21.33 11.85 5.48
N LEU E 52 -21.82 12.28 6.65
CA LEU E 52 -21.37 13.50 7.28
C LEU E 52 -20.46 13.28 8.48
N ASP E 53 -20.31 12.02 8.93
CA ASP E 53 -19.54 11.77 10.14
C ASP E 53 -18.04 11.95 9.93
N PHE E 54 -17.56 11.69 8.71
CA PHE E 54 -16.13 11.89 8.44
C PHE E 54 -15.72 13.33 8.66
N HIS E 55 -16.53 14.28 8.15
CA HIS E 55 -16.21 15.69 8.32
C HIS E 55 -16.52 16.15 9.74
N ARG E 56 -17.47 15.51 10.42
CA ARG E 56 -17.78 15.89 11.79
C ARG E 56 -16.57 15.77 12.70
N PHE E 57 -15.71 14.78 12.46
CA PHE E 57 -14.48 14.67 13.22
C PHE E 57 -13.61 15.90 13.03
N TYR E 58 -13.53 16.41 11.79
CA TYR E 58 -12.77 17.62 11.54
C TYR E 58 -13.45 18.86 12.13
N PHE E 59 -14.79 18.86 12.17
CA PHE E 59 -15.49 19.96 12.80
C PHE E 59 -15.27 19.96 14.32
N GLU E 60 -15.52 18.82 14.96
CA GLU E 60 -15.51 18.75 16.41
C GLU E 60 -14.11 18.81 17.03
N ASN E 61 -13.06 18.66 16.24
CA ASN E 61 -11.71 18.59 16.80
C ASN E 61 -10.74 19.56 16.11
N LEU E 62 -11.23 20.54 15.36
CA LEU E 62 -10.35 21.48 14.71
C LEU E 62 -11.05 22.78 14.33
N TRP E 63 -12.05 22.69 13.44
CA TRP E 63 -12.67 23.90 12.90
C TRP E 63 -13.58 24.57 13.92
N SER E 64 -14.39 23.80 14.64
CA SER E 64 -15.10 24.36 15.79
C SER E 64 -14.15 24.62 16.96
N ARG E 65 -12.94 24.04 16.91
CA ARG E 65 -11.92 24.30 17.92
C ARG E 65 -11.17 25.61 17.69
N ASN E 66 -11.17 26.14 16.47
CA ASN E 66 -10.35 27.30 16.15
C ASN E 66 -11.22 28.38 15.51
N SER E 67 -11.33 29.52 16.17
CA SER E 67 -11.82 30.74 15.56
C SER E 67 -10.70 31.59 14.99
N LYS E 68 -9.53 30.99 14.75
CA LYS E 68 -8.41 31.72 14.19
C LYS E 68 -8.70 32.12 12.75
N PRO E 69 -8.20 33.26 12.29
CA PRO E 69 -8.69 33.84 11.03
C PRO E 69 -8.30 33.01 9.83
N VAL E 70 -9.29 32.72 8.98
CA VAL E 70 -9.07 32.13 7.67
C VAL E 70 -9.95 32.88 6.67
N HIS E 71 -9.46 33.01 5.44
CA HIS E 71 -10.20 33.65 4.38
C HIS E 71 -10.18 32.73 3.16
N ASN E 72 -11.36 32.44 2.62
CA ASN E 72 -11.51 31.56 1.47
C ASN E 72 -11.95 32.37 0.26
N THR E 73 -11.27 32.15 -0.86
CA THR E 73 -11.59 32.83 -2.11
C THR E 73 -12.04 31.80 -3.14
N MET E 74 -13.17 32.06 -3.78
CA MET E 74 -13.68 31.23 -4.86
C MET E 74 -13.34 31.93 -6.18
N LEU E 75 -12.44 31.35 -6.95
CA LEU E 75 -11.91 31.99 -8.14
C LEU E 75 -12.62 31.48 -9.39
N ASN E 76 -13.25 32.41 -10.11
CA ASN E 76 -13.94 32.15 -11.38
C ASN E 76 -14.71 30.83 -11.36
N PRO E 77 -15.72 30.70 -10.51
CA PRO E 77 -16.50 29.46 -10.49
C PRO E 77 -17.18 29.23 -11.83
N HIS E 78 -17.09 28.00 -12.31
CA HIS E 78 -17.79 27.56 -13.51
C HIS E 78 -18.92 26.65 -13.10
N ILE E 79 -20.11 26.89 -13.63
CA ILE E 79 -21.32 26.23 -13.17
C ILE E 79 -21.99 25.56 -14.36
N HIS E 80 -22.29 24.27 -14.22
CA HIS E 80 -23.08 23.52 -15.18
C HIS E 80 -24.47 23.33 -14.59
N LEU E 81 -25.48 23.80 -15.30
CA LEU E 81 -26.87 23.62 -14.91
C LEU E 81 -27.48 22.54 -15.80
N MET E 82 -27.95 21.47 -15.18
CA MET E 82 -28.52 20.32 -15.89
C MET E 82 -29.97 20.20 -15.47
N GLY E 83 -30.86 20.81 -16.24
CA GLY E 83 -32.25 20.86 -15.87
C GLY E 83 -32.52 21.97 -14.85
N ASP E 84 -33.49 21.73 -13.98
CA ASP E 84 -33.90 22.72 -13.01
C ASP E 84 -33.54 22.38 -11.57
N GLU E 85 -33.14 21.13 -11.30
CA GLU E 85 -32.97 20.68 -9.91
C GLU E 85 -31.59 20.12 -9.63
N SER E 86 -30.59 20.41 -10.47
CA SER E 86 -29.24 19.96 -10.19
C SER E 86 -28.23 20.89 -10.83
N ALA E 87 -27.10 21.07 -10.16
CA ALA E 87 -26.04 21.93 -10.65
C ALA E 87 -24.69 21.36 -10.23
N CYS E 88 -23.66 21.68 -11.01
CA CYS E 88 -22.29 21.32 -10.71
C CYS E 88 -21.43 22.56 -10.83
N ILE E 89 -20.74 22.92 -9.74
CA ILE E 89 -19.90 24.11 -9.70
C ILE E 89 -18.45 23.67 -9.49
N ALA E 90 -17.55 24.20 -10.32
CA ALA E 90 -16.13 23.90 -10.25
C ALA E 90 -15.35 25.18 -10.17
N TYR E 91 -14.35 25.22 -9.28
CA TYR E 91 -13.63 26.46 -9.00
C TYR E 91 -12.31 26.14 -8.34
N ILE E 92 -11.39 27.09 -8.43
CA ILE E 92 -10.18 27.07 -7.64
C ILE E 92 -10.47 27.72 -6.29
N ARG E 93 -10.07 27.06 -5.22
CA ARG E 93 -10.25 27.58 -3.87
C ARG E 93 -8.90 27.97 -3.29
N ILE E 94 -8.78 29.22 -2.85
CA ILE E 94 -7.57 29.73 -2.20
C ILE E 94 -7.91 29.96 -0.74
N THR E 95 -7.14 29.35 0.15
CA THR E 95 -7.37 29.43 1.59
C THR E 95 -6.20 30.20 2.22
N GLN E 96 -6.49 31.39 2.74
CA GLN E 96 -5.53 32.16 3.52
C GLN E 96 -5.71 31.83 5.00
N TYR E 97 -4.60 31.67 5.71
CA TYR E 97 -4.65 31.19 7.08
C TYR E 97 -3.32 31.50 7.75
N LEU E 98 -3.26 31.21 9.05
CA LEU E 98 -2.05 31.35 9.85
C LEU E 98 -1.54 29.97 10.27
N ASP E 99 -0.23 29.79 10.23
CA ASP E 99 0.38 28.52 10.57
C ASP E 99 0.67 28.50 12.08
N ALA E 100 1.58 27.64 12.51
CA ALA E 100 1.88 27.56 13.93
C ALA E 100 2.49 28.85 14.46
N GLY E 101 3.47 29.41 13.76
CA GLY E 101 4.17 30.58 14.25
C GLY E 101 3.46 31.87 13.92
N GLY E 102 2.19 31.77 13.55
CA GLY E 102 1.39 32.92 13.18
C GLY E 102 1.71 33.51 11.81
N ILE E 103 2.52 32.83 11.01
CA ILE E 103 2.84 33.30 9.67
C ILE E 103 1.62 33.16 8.78
N PRO E 104 1.25 34.19 8.02
CA PRO E 104 0.17 34.04 7.04
C PRO E 104 0.61 33.14 5.89
N ARG E 105 -0.24 32.18 5.54
CA ARG E 105 0.06 31.24 4.49
C ARG E 105 -1.12 31.15 3.53
N THR E 106 -0.86 30.59 2.35
CA THR E 106 -1.87 30.42 1.33
C THR E 106 -1.81 28.99 0.80
N ALA E 107 -2.98 28.46 0.42
CA ALA E 107 -3.07 27.11 -0.09
C ALA E 107 -4.14 27.04 -1.17
N GLN E 108 -3.82 26.36 -2.26
CA GLN E 108 -4.74 26.21 -3.38
C GLN E 108 -5.27 24.78 -3.43
N SER E 109 -6.56 24.66 -3.70
CA SER E 109 -7.16 23.37 -4.01
C SER E 109 -8.19 23.57 -5.11
N GLU E 110 -8.43 22.52 -5.88
CA GLU E 110 -9.43 22.53 -6.93
C GLU E 110 -10.64 21.73 -6.43
N GLU E 111 -11.82 22.34 -6.49
CA GLU E 111 -13.01 21.74 -5.90
C GLU E 111 -14.12 21.64 -6.95
N THR E 112 -14.75 20.47 -7.01
CA THR E 112 -15.99 20.27 -7.72
C THR E 112 -17.06 19.95 -6.69
N ARG E 113 -18.21 20.62 -6.79
CA ARG E 113 -19.31 20.38 -5.86
C ARG E 113 -20.59 20.23 -6.65
N VAL E 114 -21.36 19.20 -6.33
CA VAL E 114 -22.60 18.87 -7.04
C VAL E 114 -23.77 19.13 -6.10
N TRP E 115 -24.75 19.89 -6.58
CA TRP E 115 -25.90 20.31 -5.77
C TRP E 115 -27.19 19.77 -6.38
N HIS E 116 -28.07 19.27 -5.52
CA HIS E 116 -29.37 18.75 -5.93
C HIS E 116 -30.45 19.49 -5.15
N ARG E 117 -31.35 20.15 -5.88
CA ARG E 117 -32.42 20.93 -5.25
C ARG E 117 -33.54 19.98 -4.87
N ARG E 118 -33.66 19.68 -3.57
CA ARG E 118 -34.72 18.84 -3.04
C ARG E 118 -35.64 19.72 -2.21
N ASP E 119 -36.91 19.83 -2.62
CA ASP E 119 -37.91 20.60 -1.89
C ASP E 119 -37.49 22.07 -1.78
N GLY E 120 -37.14 22.66 -2.91
CA GLY E 120 -36.82 24.07 -2.98
C GLY E 120 -35.50 24.49 -2.37
N LYS E 121 -34.84 23.63 -1.60
CA LYS E 121 -33.55 23.95 -1.00
C LYS E 121 -32.46 23.11 -1.67
N TRP E 122 -31.39 23.78 -2.09
CA TRP E 122 -30.27 23.08 -2.68
C TRP E 122 -29.57 22.20 -1.64
N GLN E 123 -29.17 21.00 -2.05
CA GLN E 123 -28.54 20.04 -1.16
C GLN E 123 -27.25 19.54 -1.80
N HIS E 124 -26.17 19.58 -1.02
CA HIS E 124 -24.84 19.16 -1.47
C HIS E 124 -24.76 17.64 -1.43
N VAL E 125 -24.54 17.01 -2.59
CA VAL E 125 -24.57 15.56 -2.68
C VAL E 125 -23.21 14.95 -3.02
N HIS E 126 -22.28 15.71 -3.58
CA HIS E 126 -20.96 15.17 -3.87
C HIS E 126 -19.97 16.29 -4.00
N MET E 127 -18.78 16.09 -3.44
CA MET E 127 -17.68 17.02 -3.61
C MET E 127 -16.41 16.24 -4.00
N HIS E 128 -15.58 16.88 -4.82
CA HIS E 128 -14.28 16.36 -5.19
C HIS E 128 -13.27 17.47 -4.99
N ARG E 129 -12.29 17.24 -4.11
CA ARG E 129 -11.24 18.22 -3.87
C ARG E 129 -9.88 17.60 -4.18
N SER E 130 -9.07 18.33 -4.92
CA SER E 130 -7.69 17.95 -5.18
C SER E 130 -6.77 19.06 -4.69
N GLY E 131 -5.64 18.65 -4.10
CA GLY E 131 -4.67 19.62 -3.60
C GLY E 131 -4.18 19.33 -2.19
N ALA E 132 -4.06 20.37 -1.38
CA ALA E 132 -3.47 20.26 -0.05
C ALA E 132 -4.51 19.81 0.96
N PRO E 133 -4.14 18.99 1.95
CA PRO E 133 -5.14 18.41 2.87
C PRO E 133 -5.45 19.28 4.09
N SER E 134 -6.72 19.67 4.22
CA SER E 134 -7.25 20.32 5.43
C SER E 134 -6.42 21.52 5.84
N VAL E 135 -6.11 22.37 4.86
CA VAL E 135 -5.22 23.49 5.11
C VAL E 135 -6.01 24.79 5.31
N PRO F 2 6.01 -41.93 24.37
CA PRO F 2 6.71 -41.11 25.35
C PRO F 2 7.34 -39.86 24.76
N HIS F 3 7.40 -39.79 23.42
CA HIS F 3 7.97 -38.60 22.77
C HIS F 3 7.05 -37.40 22.89
N MET F 4 5.74 -37.62 22.88
CA MET F 4 4.81 -36.50 23.01
C MET F 4 4.94 -35.83 24.38
N VAL F 5 5.18 -36.62 25.43
CA VAL F 5 5.37 -36.05 26.76
C VAL F 5 6.72 -35.34 26.84
N ARG F 6 7.74 -35.90 26.17
CA ARG F 6 9.07 -35.28 26.18
C ARG F 6 9.05 -33.90 25.55
N LYS F 7 8.39 -33.78 24.40
CA LYS F 7 8.31 -32.49 23.72
C LYS F 7 7.71 -31.42 24.62
N GLN F 8 6.72 -31.79 25.42
CA GLN F 8 6.11 -30.82 26.34
C GLN F 8 7.04 -30.50 27.51
N GLU F 9 7.91 -31.45 27.90
CA GLU F 9 8.94 -31.13 28.88
C GLU F 9 9.91 -30.10 28.34
N ILE F 10 10.31 -30.24 27.07
CA ILE F 10 11.24 -29.29 26.45
C ILE F 10 10.59 -27.92 26.34
N ILE F 11 9.33 -27.86 25.92
CA ILE F 11 8.65 -26.58 25.78
C ILE F 11 8.58 -25.86 27.12
N LYS F 12 8.28 -26.60 28.19
CA LYS F 12 8.12 -25.96 29.49
C LYS F 12 9.46 -25.46 30.04
N VAL F 13 10.51 -26.27 29.93
CA VAL F 13 11.80 -25.82 30.45
C VAL F 13 12.34 -24.68 29.60
N ASN F 14 12.06 -24.67 28.30
CA ASN F 14 12.44 -23.54 27.46
C ASN F 14 11.62 -22.31 27.82
N GLN F 15 10.33 -22.48 28.11
CA GLN F 15 9.51 -21.37 28.58
C GLN F 15 10.05 -20.79 29.88
N GLN F 16 10.51 -21.66 30.79
CA GLN F 16 11.03 -21.17 32.06
C GLN F 16 12.36 -20.44 31.88
N LEU F 17 13.19 -20.91 30.95
CA LEU F 17 14.43 -20.21 30.65
C LEU F 17 14.16 -18.82 30.09
N ILE F 18 13.12 -18.69 29.26
CA ILE F 18 12.82 -17.40 28.64
C ILE F 18 12.26 -16.42 29.66
N GLU F 19 11.53 -16.90 30.66
CA GLU F 19 11.01 -15.98 31.68
C GLU F 19 12.06 -15.63 32.72
N ALA F 20 13.03 -16.53 32.96
CA ALA F 20 14.15 -16.17 33.82
C ALA F 20 14.97 -15.04 33.20
N ILE F 21 15.12 -15.05 31.88
CA ILE F 21 15.74 -13.94 31.18
C ILE F 21 14.87 -12.69 31.28
N SER F 22 13.55 -12.85 31.13
CA SER F 22 12.66 -11.71 31.14
C SER F 22 12.67 -11.00 32.48
N ASN F 23 12.82 -11.75 33.57
CA ASN F 23 12.82 -11.19 34.91
C ASN F 23 14.22 -11.02 35.47
N GLY F 24 15.26 -11.21 34.66
CA GLY F 24 16.62 -11.05 35.14
C GLY F 24 17.01 -12.05 36.21
N ASP F 25 16.23 -13.11 36.36
CA ASP F 25 16.54 -14.16 37.33
C ASP F 25 17.79 -14.90 36.89
N PHE F 26 18.96 -14.39 37.27
CA PHE F 26 20.21 -15.06 36.90
C PHE F 26 20.44 -16.33 37.72
N GLU F 27 19.81 -16.45 38.90
CA GLU F 27 19.96 -17.67 39.68
C GLU F 27 19.24 -18.83 39.02
N SER F 28 18.07 -18.58 38.44
CA SER F 28 17.37 -19.62 37.70
C SER F 28 18.01 -19.88 36.34
N TYR F 29 18.55 -18.84 35.70
CA TYR F 29 19.21 -19.00 34.42
C TYR F 29 20.39 -19.97 34.53
N THR F 30 21.22 -19.79 35.57
CA THR F 30 22.34 -20.69 35.77
C THR F 30 21.89 -22.09 36.15
N LYS F 31 20.74 -22.19 36.83
CA LYS F 31 20.21 -23.51 37.20
C LYS F 31 19.92 -24.34 35.97
N MET F 32 19.44 -23.71 34.91
CA MET F 32 19.01 -24.41 33.71
C MET F 32 20.09 -24.53 32.63
N CYS F 33 21.20 -23.80 32.75
CA CYS F 33 22.23 -23.78 31.73
C CYS F 33 23.42 -24.64 32.13
N ASP F 34 23.94 -25.39 31.18
CA ASP F 34 25.24 -26.03 31.36
C ASP F 34 26.31 -24.96 31.51
N PRO F 35 27.27 -25.14 32.43
CA PRO F 35 28.29 -24.11 32.61
C PRO F 35 29.12 -23.84 31.37
N GLY F 36 29.20 -24.79 30.44
CA GLY F 36 29.93 -24.58 29.20
C GLY F 36 29.04 -24.33 28.00
N MET F 37 27.86 -23.75 28.22
CA MET F 37 26.97 -23.47 27.09
C MET F 37 27.55 -22.38 26.20
N THR F 38 27.29 -22.51 24.90
CA THR F 38 27.73 -21.55 23.90
C THR F 38 26.53 -20.80 23.33
N ALA F 39 26.80 -19.65 22.73
CA ALA F 39 25.71 -18.79 22.26
C ALA F 39 26.15 -17.98 21.05
N PHE F 40 25.32 -18.01 20.01
CA PHE F 40 25.35 -17.06 18.91
C PHE F 40 24.20 -16.09 19.11
N GLU F 41 24.50 -14.80 19.28
CA GLU F 41 23.43 -13.82 19.38
C GLU F 41 23.90 -12.49 18.82
N PRO F 42 22.97 -11.65 18.33
CA PRO F 42 23.40 -10.39 17.71
C PRO F 42 24.23 -9.50 18.62
N GLU F 43 24.02 -9.57 19.94
CA GLU F 43 24.80 -8.76 20.87
C GLU F 43 26.27 -9.16 20.89
N ALA F 44 26.59 -10.40 20.49
CA ALA F 44 27.97 -10.87 20.47
C ALA F 44 28.66 -10.57 19.15
N LEU F 45 28.01 -9.82 18.25
CA LEU F 45 28.64 -9.30 17.04
C LEU F 45 29.22 -10.41 16.16
N GLY F 46 28.47 -11.49 16.01
CA GLY F 46 28.89 -12.58 15.16
C GLY F 46 29.90 -13.53 15.78
N ASN F 47 30.16 -13.41 17.07
CA ASN F 47 31.09 -14.30 17.75
C ASN F 47 30.33 -15.29 18.63
N LEU F 48 30.87 -16.50 18.72
CA LEU F 48 30.39 -17.48 19.67
C LEU F 48 30.97 -17.18 21.04
N VAL F 49 30.10 -16.95 22.02
CA VAL F 49 30.52 -16.72 23.39
C VAL F 49 30.27 -18.00 24.19
N GLU F 50 31.19 -18.31 25.08
CA GLU F 50 31.14 -19.55 25.86
C GLU F 50 30.95 -19.23 27.33
N GLY F 51 30.11 -20.00 28.00
CA GLY F 51 29.82 -19.78 29.39
C GLY F 51 28.83 -18.65 29.61
N LEU F 52 28.35 -18.56 30.84
CA LEU F 52 27.35 -17.57 31.21
C LEU F 52 27.96 -16.21 31.57
N ASP F 53 29.25 -16.02 31.32
CA ASP F 53 29.90 -14.75 31.64
C ASP F 53 29.35 -13.61 30.80
N PHE F 54 29.19 -13.84 29.49
CA PHE F 54 28.73 -12.78 28.60
C PHE F 54 27.32 -12.31 28.97
N HIS F 55 26.45 -13.24 29.35
CA HIS F 55 25.07 -12.89 29.69
C HIS F 55 24.96 -12.25 31.07
N ARG F 56 25.88 -12.55 31.97
CA ARG F 56 25.81 -11.98 33.32
C ARG F 56 25.81 -10.46 33.28
N PHE F 57 26.56 -9.88 32.35
CA PHE F 57 26.59 -8.42 32.21
C PHE F 57 25.21 -7.87 31.84
N TYR F 58 24.39 -8.65 31.15
CA TYR F 58 23.07 -8.18 30.77
C TYR F 58 22.06 -8.35 31.91
N PHE F 59 22.19 -9.43 32.68
CA PHE F 59 21.33 -9.60 33.86
C PHE F 59 21.61 -8.51 34.89
N GLU F 60 22.87 -8.15 35.07
CA GLU F 60 23.25 -7.21 36.12
C GLU F 60 22.96 -5.76 35.77
N ASN F 61 22.78 -5.43 34.49
CA ASN F 61 22.68 -4.05 34.07
C ASN F 61 21.50 -3.73 33.16
N LEU F 62 20.64 -4.69 32.86
CA LEU F 62 19.52 -4.40 31.96
C LEU F 62 18.22 -5.11 32.34
N TRP F 63 18.26 -6.26 33.02
CA TRP F 63 17.07 -7.06 33.27
C TRP F 63 16.77 -7.07 34.76
N SER F 64 15.68 -6.42 35.14
CA SER F 64 15.11 -6.47 36.49
C SER F 64 13.83 -7.29 36.45
N ARG F 65 13.37 -7.71 37.63
CA ARG F 65 12.15 -8.50 37.70
C ARG F 65 10.91 -7.70 37.33
N ASN F 66 10.99 -6.37 37.34
CA ASN F 66 9.90 -5.52 36.88
C ASN F 66 10.44 -4.17 36.46
N SER F 67 11.35 -4.17 35.47
CA SER F 67 11.84 -2.91 34.92
C SER F 67 10.89 -2.31 33.89
N LYS F 68 10.17 -3.16 33.17
CA LYS F 68 9.20 -2.73 32.16
C LYS F 68 8.33 -3.91 31.74
N PRO F 69 7.09 -3.68 31.31
CA PRO F 69 6.25 -4.79 30.86
C PRO F 69 6.75 -5.35 29.53
N VAL F 70 6.69 -6.68 29.41
CA VAL F 70 7.15 -7.38 28.22
C VAL F 70 6.31 -8.63 28.03
N HIS F 71 6.11 -9.00 26.77
CA HIS F 71 5.33 -10.19 26.40
C HIS F 71 6.11 -10.95 25.34
N ASN F 72 6.59 -12.15 25.66
CA ASN F 72 7.44 -12.94 24.78
C ASN F 72 6.65 -14.16 24.29
N THR F 73 6.19 -14.11 23.05
CA THR F 73 5.40 -15.19 22.47
C THR F 73 6.31 -16.14 21.69
N MET F 74 6.20 -17.43 22.00
CA MET F 74 6.91 -18.47 21.25
C MET F 74 5.96 -19.01 20.18
N LEU F 75 6.31 -18.81 18.92
CA LEU F 75 5.45 -19.14 17.80
C LEU F 75 5.83 -20.49 17.21
N ASN F 76 4.90 -21.44 17.27
CA ASN F 76 4.97 -22.74 16.60
C ASN F 76 6.34 -23.38 16.76
N PRO F 77 6.71 -23.82 17.97
CA PRO F 77 8.03 -24.41 18.15
C PRO F 77 8.12 -25.75 17.45
N HIS F 78 9.27 -26.00 16.83
CA HIS F 78 9.57 -27.28 16.21
C HIS F 78 10.66 -27.95 17.03
N ILE F 79 10.40 -29.17 17.48
CA ILE F 79 11.26 -29.86 18.43
C ILE F 79 11.80 -31.13 17.78
N HIS F 80 13.12 -31.25 17.73
CA HIS F 80 13.78 -32.48 17.31
C HIS F 80 14.22 -33.22 18.57
N LEU F 81 13.77 -34.47 18.70
CA LEU F 81 14.22 -35.35 19.78
C LEU F 81 15.28 -36.29 19.22
N MET F 82 16.45 -36.28 19.83
CA MET F 82 17.59 -37.08 19.37
C MET F 82 17.91 -38.11 20.45
N GLY F 83 17.22 -39.25 20.37
CA GLY F 83 17.40 -40.29 21.36
C GLY F 83 16.68 -39.98 22.66
N ASP F 84 17.29 -40.40 23.76
CA ASP F 84 16.61 -40.34 25.05
C ASP F 84 16.84 -39.00 25.75
N GLU F 85 18.03 -38.43 25.62
CA GLU F 85 18.41 -37.31 26.47
C GLU F 85 19.05 -36.19 25.65
N SER F 86 18.46 -35.87 24.49
CA SER F 86 18.93 -34.75 23.68
C SER F 86 17.74 -34.17 22.92
N ALA F 87 17.67 -32.85 22.87
CA ALA F 87 16.56 -32.17 22.21
C ALA F 87 17.03 -30.86 21.60
N CYS F 88 16.42 -30.50 20.47
CA CYS F 88 16.65 -29.24 19.79
C CYS F 88 15.30 -28.60 19.49
N ILE F 89 15.12 -27.36 19.94
CA ILE F 89 13.86 -26.65 19.74
C ILE F 89 14.14 -25.35 18.98
N ALA F 90 13.38 -25.12 17.92
CA ALA F 90 13.53 -23.96 17.06
C ALA F 90 12.19 -23.26 16.94
N TYR F 91 12.18 -21.94 17.10
CA TYR F 91 10.93 -21.20 17.13
C TYR F 91 11.20 -19.75 16.75
N ILE F 92 10.14 -19.11 16.24
CA ILE F 92 10.11 -17.66 16.06
C ILE F 92 9.56 -17.05 17.35
N ARG F 93 10.21 -15.98 17.82
CA ARG F 93 9.86 -15.34 19.08
C ARG F 93 9.46 -13.90 18.80
N ILE F 94 8.26 -13.52 19.23
CA ILE F 94 7.76 -12.16 19.11
C ILE F 94 7.83 -11.49 20.47
N THR F 95 8.47 -10.33 20.52
CA THR F 95 8.62 -9.58 21.77
C THR F 95 7.80 -8.31 21.69
N GLN F 96 6.83 -8.18 22.59
CA GLN F 96 6.03 -6.97 22.72
C GLN F 96 6.56 -6.17 23.90
N TYR F 97 7.06 -4.97 23.61
CA TYR F 97 7.75 -4.16 24.61
C TYR F 97 7.28 -2.72 24.49
N LEU F 98 7.54 -1.95 25.54
CA LEU F 98 7.25 -0.52 25.58
C LEU F 98 8.55 0.25 25.36
N ASP F 99 8.60 1.01 24.27
CA ASP F 99 9.83 1.69 23.89
C ASP F 99 10.07 2.90 24.79
N ALA F 100 11.03 3.75 24.41
CA ALA F 100 11.40 4.88 25.25
C ALA F 100 10.23 5.85 25.42
N GLY F 101 9.49 6.09 24.35
CA GLY F 101 8.33 6.96 24.40
C GLY F 101 7.07 6.32 24.94
N GLY F 102 7.14 5.09 25.44
CA GLY F 102 5.98 4.40 25.92
C GLY F 102 5.13 3.76 24.83
N ILE F 103 5.58 3.78 23.59
CA ILE F 103 4.82 3.25 22.46
C ILE F 103 4.93 1.72 22.47
N PRO F 104 3.82 0.99 22.32
CA PRO F 104 3.90 -0.47 22.18
C PRO F 104 4.43 -0.85 20.81
N ARG F 105 5.57 -1.55 20.79
CA ARG F 105 6.19 -1.99 19.55
C ARG F 105 6.25 -3.52 19.53
N THR F 106 6.97 -4.04 18.53
CA THR F 106 7.08 -5.48 18.37
C THR F 106 8.42 -5.81 17.70
N ALA F 107 8.99 -6.93 18.10
CA ALA F 107 10.27 -7.37 17.55
C ALA F 107 10.23 -8.87 17.32
N GLN F 108 10.85 -9.32 16.24
CA GLN F 108 10.94 -10.73 15.90
C GLN F 108 12.39 -11.19 15.96
N SER F 109 12.61 -12.33 16.61
CA SER F 109 13.87 -13.04 16.54
C SER F 109 13.59 -14.52 16.30
N GLU F 110 14.56 -15.20 15.70
CA GLU F 110 14.51 -16.63 15.48
C GLU F 110 15.52 -17.29 16.41
N GLU F 111 15.09 -18.32 17.12
CA GLU F 111 15.90 -18.91 18.17
C GLU F 111 15.96 -20.42 18.02
N THR F 112 17.19 -20.95 18.09
CA THR F 112 17.44 -22.37 18.27
C THR F 112 18.04 -22.55 19.66
N ARG F 113 17.50 -23.51 20.42
CA ARG F 113 18.06 -23.84 21.72
C ARG F 113 18.19 -25.35 21.83
N VAL F 114 19.38 -25.79 22.25
CA VAL F 114 19.72 -27.20 22.31
C VAL F 114 19.82 -27.61 23.78
N TRP F 115 19.14 -28.69 24.14
CA TRP F 115 19.06 -29.15 25.51
C TRP F 115 19.61 -30.56 25.62
N HIS F 116 20.31 -30.83 26.72
CA HIS F 116 20.86 -32.14 27.02
C HIS F 116 20.43 -32.52 28.43
N ARG F 117 19.88 -33.73 28.58
CA ARG F 117 19.38 -34.19 29.87
C ARG F 117 20.53 -34.86 30.62
N ARG F 118 20.96 -34.25 31.72
CA ARG F 118 22.05 -34.75 32.54
C ARG F 118 21.53 -35.06 33.93
N ASP F 119 21.80 -36.27 34.41
CA ASP F 119 21.35 -36.79 35.70
C ASP F 119 19.90 -36.39 36.00
N GLY F 120 19.03 -36.61 35.02
CA GLY F 120 17.60 -36.46 35.21
C GLY F 120 17.05 -35.06 35.02
N LYS F 121 17.88 -34.07 34.69
CA LYS F 121 17.41 -32.71 34.48
C LYS F 121 17.92 -32.19 33.14
N TRP F 122 17.08 -31.41 32.46
CA TRP F 122 17.46 -30.81 31.18
C TRP F 122 18.39 -29.63 31.40
N GLN F 123 19.44 -29.57 30.59
CA GLN F 123 20.44 -28.52 30.69
C GLN F 123 20.62 -27.87 29.32
N HIS F 124 20.58 -26.54 29.30
CA HIS F 124 20.74 -25.76 28.07
C HIS F 124 22.21 -25.68 27.71
N VAL F 125 22.57 -26.16 26.51
CA VAL F 125 23.97 -26.23 26.11
C VAL F 125 24.32 -25.32 24.93
N HIS F 126 23.36 -24.91 24.10
CA HIS F 126 23.70 -24.03 23.00
C HIS F 126 22.45 -23.28 22.54
N MET F 127 22.63 -21.99 22.24
CA MET F 127 21.57 -21.18 21.68
C MET F 127 22.10 -20.41 20.49
N HIS F 128 21.23 -20.19 19.51
CA HIS F 128 21.53 -19.37 18.35
C HIS F 128 20.32 -18.48 18.11
N ARG F 129 20.53 -17.17 18.22
CA ARG F 129 19.47 -16.20 17.99
C ARG F 129 19.84 -15.31 16.81
N SER F 130 18.90 -15.10 15.90
CA SER F 130 19.07 -14.15 14.82
C SER F 130 17.90 -13.18 14.82
N GLY F 131 18.11 -12.02 14.20
CA GLY F 131 17.06 -11.02 14.11
C GLY F 131 17.25 -9.85 15.06
N ALA F 132 16.17 -9.48 15.77
CA ALA F 132 16.19 -8.33 16.67
C ALA F 132 17.27 -8.48 17.75
N HIS G 3 -14.56 -33.86 9.32
CA HIS G 3 -13.96 -32.55 9.14
C HIS G 3 -12.49 -32.69 8.72
N MET G 4 -11.84 -33.75 9.19
CA MET G 4 -10.45 -34.00 8.81
C MET G 4 -10.32 -34.18 7.31
N VAL G 5 -11.29 -34.85 6.69
CA VAL G 5 -11.32 -34.96 5.24
C VAL G 5 -11.58 -33.60 4.61
N ARG G 6 -12.41 -32.78 5.26
CA ARG G 6 -12.71 -31.45 4.72
C ARG G 6 -11.48 -30.56 4.74
N LYS G 7 -10.74 -30.56 5.85
CA LYS G 7 -9.54 -29.72 5.93
C LYS G 7 -8.53 -30.10 4.86
N GLN G 8 -8.40 -31.39 4.56
CA GLN G 8 -7.48 -31.81 3.50
C GLN G 8 -8.03 -31.48 2.13
N GLU G 9 -9.36 -31.41 1.98
CA GLU G 9 -9.93 -30.93 0.72
C GLU G 9 -9.60 -29.47 0.50
N ILE G 10 -9.71 -28.65 1.53
CA ILE G 10 -9.37 -27.23 1.41
C ILE G 10 -7.89 -27.07 1.09
N ILE G 11 -7.04 -27.91 1.66
CA ILE G 11 -5.61 -27.84 1.40
C ILE G 11 -5.33 -28.11 -0.08
N LYS G 12 -5.91 -29.18 -0.62
CA LYS G 12 -5.61 -29.55 -2.00
C LYS G 12 -6.14 -28.52 -2.99
N VAL G 13 -7.38 -28.05 -2.80
CA VAL G 13 -7.94 -27.09 -3.74
C VAL G 13 -7.20 -25.77 -3.66
N ASN G 14 -6.69 -25.40 -2.47
CA ASN G 14 -5.90 -24.19 -2.36
C ASN G 14 -4.54 -24.36 -3.03
N GLN G 15 -3.95 -25.56 -2.91
CA GLN G 15 -2.70 -25.85 -3.61
C GLN G 15 -2.89 -25.77 -5.12
N GLN G 16 -4.02 -26.29 -5.61
CA GLN G 16 -4.30 -26.25 -7.04
C GLN G 16 -4.45 -24.81 -7.53
N LEU G 17 -5.04 -23.95 -6.71
CA LEU G 17 -5.18 -22.55 -7.10
C LEU G 17 -3.83 -21.86 -7.16
N ILE G 18 -2.93 -22.19 -6.23
CA ILE G 18 -1.61 -21.57 -6.23
C ILE G 18 -0.79 -22.02 -7.42
N GLU G 19 -0.93 -23.30 -7.81
CA GLU G 19 -0.18 -23.78 -8.97
C GLU G 19 -0.75 -23.22 -10.27
N ALA G 20 -2.05 -22.93 -10.31
CA ALA G 20 -2.63 -22.31 -11.50
C ALA G 20 -2.11 -20.88 -11.68
N ILE G 21 -1.97 -20.14 -10.58
CA ILE G 21 -1.38 -18.81 -10.65
C ILE G 21 0.08 -18.90 -11.06
N SER G 22 0.82 -19.87 -10.49
CA SER G 22 2.24 -20.00 -10.80
C SER G 22 2.46 -20.42 -12.24
N ASN G 23 1.61 -21.31 -12.76
CA ASN G 23 1.72 -21.74 -14.15
C ASN G 23 1.04 -20.79 -15.11
N GLY G 24 0.33 -19.77 -14.62
CA GLY G 24 -0.41 -18.88 -15.49
C GLY G 24 -1.63 -19.48 -16.13
N ASP G 25 -2.19 -20.54 -15.53
CA ASP G 25 -3.35 -21.24 -16.10
C ASP G 25 -4.61 -20.51 -15.66
N PHE G 26 -5.06 -19.56 -16.48
CA PHE G 26 -6.23 -18.77 -16.13
C PHE G 26 -7.51 -19.58 -16.22
N GLU G 27 -7.53 -20.63 -17.05
CA GLU G 27 -8.75 -21.43 -17.19
C GLU G 27 -9.05 -22.22 -15.93
N SER G 28 -8.02 -22.81 -15.32
CA SER G 28 -8.22 -23.51 -14.05
C SER G 28 -8.52 -22.54 -12.92
N TYR G 29 -7.85 -21.39 -12.92
CA TYR G 29 -8.12 -20.37 -11.91
C TYR G 29 -9.58 -19.93 -11.95
N THR G 30 -10.09 -19.65 -13.15
CA THR G 30 -11.51 -19.31 -13.30
C THR G 30 -12.39 -20.46 -12.85
N LYS G 31 -11.97 -21.69 -13.11
CA LYS G 31 -12.76 -22.86 -12.73
C LYS G 31 -12.97 -22.93 -11.21
N MET G 32 -11.93 -22.62 -10.44
CA MET G 32 -11.98 -22.75 -8.99
C MET G 32 -12.52 -21.51 -8.29
N CYS G 33 -12.74 -20.41 -9.00
CA CYS G 33 -13.10 -19.13 -8.39
C CYS G 33 -14.56 -18.79 -8.64
N ASP G 34 -15.21 -18.24 -7.63
CA ASP G 34 -16.56 -17.71 -7.79
C ASP G 34 -16.51 -16.46 -8.65
N PRO G 35 -17.48 -16.27 -9.55
CA PRO G 35 -17.46 -15.08 -10.43
C PRO G 35 -17.49 -13.76 -9.67
N GLY G 36 -18.06 -13.74 -8.47
CA GLY G 36 -18.13 -12.51 -7.70
C GLY G 36 -17.12 -12.47 -6.56
N MET G 37 -15.96 -13.08 -6.76
CA MET G 37 -14.94 -13.07 -5.72
C MET G 37 -14.31 -11.68 -5.60
N THR G 38 -13.86 -11.36 -4.39
CA THR G 38 -13.20 -10.10 -4.11
C THR G 38 -11.76 -10.37 -3.70
N ALA G 39 -10.94 -9.32 -3.72
CA ALA G 39 -9.51 -9.50 -3.50
C ALA G 39 -8.89 -8.23 -2.95
N PHE G 40 -8.15 -8.37 -1.86
CA PHE G 40 -7.19 -7.37 -1.38
C PHE G 40 -5.80 -7.88 -1.70
N GLU G 41 -5.07 -7.18 -2.56
CA GLU G 41 -3.70 -7.58 -2.83
C GLU G 41 -2.88 -6.36 -3.22
N PRO G 42 -1.56 -6.38 -2.99
CA PRO G 42 -0.77 -5.15 -3.14
C PRO G 42 -0.82 -4.52 -4.52
N GLU G 43 -0.93 -5.34 -5.58
CA GLU G 43 -0.98 -4.78 -6.93
C GLU G 43 -2.19 -3.88 -7.14
N ALA G 44 -3.25 -4.06 -6.36
CA ALA G 44 -4.44 -3.22 -6.46
C ALA G 44 -4.32 -1.92 -5.69
N LEU G 45 -3.15 -1.64 -5.08
CA LEU G 45 -2.86 -0.35 -4.46
C LEU G 45 -3.81 -0.05 -3.30
N GLY G 46 -4.14 -1.07 -2.52
CA GLY G 46 -5.00 -0.88 -1.37
C GLY G 46 -6.45 -0.64 -1.74
N ASN G 47 -6.94 -1.40 -2.71
CA ASN G 47 -8.34 -1.35 -3.11
C ASN G 47 -8.88 -2.77 -3.21
N LEU G 48 -10.17 -2.90 -2.90
CA LEU G 48 -10.89 -4.16 -3.08
C LEU G 48 -11.36 -4.23 -4.52
N VAL G 49 -10.88 -5.23 -5.25
CA VAL G 49 -11.28 -5.48 -6.63
C VAL G 49 -12.20 -6.69 -6.65
N GLU G 50 -13.19 -6.66 -7.52
CA GLU G 50 -14.21 -7.70 -7.63
C GLU G 50 -14.15 -8.31 -9.02
N GLY G 51 -14.26 -9.64 -9.08
CA GLY G 51 -14.22 -10.36 -10.34
C GLY G 51 -12.81 -10.79 -10.72
N LEU G 52 -12.76 -11.63 -11.73
CA LEU G 52 -11.50 -12.15 -12.25
C LEU G 52 -10.89 -11.24 -13.30
N ASP G 53 -11.58 -10.17 -13.69
CA ASP G 53 -11.08 -9.30 -14.75
C ASP G 53 -9.77 -8.63 -14.35
N PHE G 54 -9.65 -8.22 -13.08
CA PHE G 54 -8.42 -7.58 -12.64
C PHE G 54 -7.23 -8.52 -12.73
N HIS G 55 -7.46 -9.80 -12.45
CA HIS G 55 -6.36 -10.77 -12.45
C HIS G 55 -6.03 -11.30 -13.84
N ARG G 56 -6.96 -11.20 -14.79
CA ARG G 56 -6.69 -11.67 -16.14
C ARG G 56 -5.53 -10.92 -16.76
N PHE G 57 -5.41 -9.61 -16.46
CA PHE G 57 -4.30 -8.83 -16.99
C PHE G 57 -2.96 -9.39 -16.55
N TYR G 58 -2.88 -9.91 -15.31
CA TYR G 58 -1.64 -10.46 -14.81
C TYR G 58 -1.36 -11.85 -15.37
N PHE G 59 -2.41 -12.61 -15.69
CA PHE G 59 -2.21 -13.91 -16.32
C PHE G 59 -1.70 -13.74 -17.75
N GLU G 60 -2.45 -13.01 -18.58
CA GLU G 60 -2.12 -12.91 -19.99
C GLU G 60 -0.76 -12.27 -20.21
N ASN G 61 -0.46 -11.20 -19.49
CA ASN G 61 0.72 -10.39 -19.76
C ASN G 61 1.91 -10.70 -18.86
N LEU G 62 1.82 -11.71 -17.98
CA LEU G 62 2.94 -12.00 -17.11
C LEU G 62 3.07 -13.50 -16.80
N TRP G 63 2.15 -14.03 -16.00
CA TRP G 63 2.32 -15.38 -15.46
C TRP G 63 2.35 -16.46 -16.54
N SER G 64 1.76 -16.20 -17.71
CA SER G 64 1.83 -17.14 -18.81
C SER G 64 3.25 -17.22 -19.37
N SER G 67 7.83 -18.19 -17.99
CA SER G 67 8.82 -17.14 -18.02
C SER G 67 10.11 -17.56 -17.34
N LYS G 68 9.98 -18.23 -16.20
CA LYS G 68 11.10 -18.65 -15.37
C LYS G 68 10.56 -19.60 -14.30
N PRO G 69 11.42 -20.43 -13.70
CA PRO G 69 10.96 -21.33 -12.64
C PRO G 69 10.66 -20.56 -11.36
N VAL G 70 9.51 -20.86 -10.75
CA VAL G 70 9.05 -20.20 -9.54
C VAL G 70 8.66 -21.27 -8.53
N HIS G 71 9.14 -21.13 -7.30
CA HIS G 71 8.87 -22.08 -6.22
C HIS G 71 7.99 -21.38 -5.19
N ASN G 72 6.70 -21.67 -5.19
CA ASN G 72 5.73 -21.09 -4.26
C ASN G 72 5.38 -22.16 -3.22
N THR G 73 5.77 -21.92 -1.97
CA THR G 73 5.60 -22.89 -0.89
C THR G 73 4.66 -22.33 0.17
N MET G 74 3.80 -23.19 0.69
CA MET G 74 2.84 -22.85 1.72
C MET G 74 3.40 -23.25 3.08
N LEU G 75 3.48 -22.28 4.00
CA LEU G 75 4.07 -22.50 5.32
C LEU G 75 2.99 -22.46 6.39
N ASN G 76 2.90 -23.55 7.18
CA ASN G 76 2.07 -23.65 8.37
C ASN G 76 0.64 -23.19 8.11
N PRO G 77 -0.12 -23.91 7.29
CA PRO G 77 -1.49 -23.47 6.98
C PRO G 77 -2.40 -23.63 8.19
N HIS G 78 -3.18 -22.60 8.46
CA HIS G 78 -4.23 -22.63 9.48
C HIS G 78 -5.59 -22.57 8.79
N ILE G 79 -6.47 -23.51 9.12
CA ILE G 79 -7.77 -23.63 8.47
C ILE G 79 -8.87 -23.54 9.53
N HIS G 80 -9.75 -22.57 9.38
CA HIS G 80 -10.97 -22.50 10.17
C HIS G 80 -12.10 -23.12 9.35
N LEU G 81 -12.83 -24.06 9.97
CA LEU G 81 -14.01 -24.65 9.35
C LEU G 81 -15.25 -24.05 9.97
N MET G 82 -16.10 -23.45 9.14
CA MET G 82 -17.35 -22.85 9.59
C MET G 82 -18.49 -23.66 8.99
N GLY G 83 -18.92 -24.69 9.71
CA GLY G 83 -19.95 -25.57 9.20
C GLY G 83 -19.37 -26.62 8.25
N ASP G 84 -20.20 -27.06 7.32
CA ASP G 84 -19.79 -28.04 6.32
C ASP G 84 -19.53 -27.42 4.96
N GLU G 85 -19.86 -26.13 4.77
CA GLU G 85 -19.85 -25.52 3.46
C GLU G 85 -18.97 -24.27 3.37
N SER G 86 -18.21 -23.96 4.42
CA SER G 86 -17.43 -22.73 4.44
C SER G 86 -16.09 -22.98 5.12
N ALA G 87 -15.04 -22.34 4.60
CA ALA G 87 -13.70 -22.51 5.15
C ALA G 87 -12.89 -21.26 4.89
N CYS G 88 -11.85 -21.08 5.72
CA CYS G 88 -10.94 -19.96 5.62
C CYS G 88 -9.54 -20.47 5.94
N ILE G 89 -8.63 -20.38 4.98
CA ILE G 89 -7.28 -20.88 5.14
C ILE G 89 -6.31 -19.70 5.10
N ALA G 90 -5.37 -19.69 6.04
CA ALA G 90 -4.39 -18.61 6.18
C ALA G 90 -3.01 -19.21 6.34
N TYR G 91 -2.03 -18.60 5.66
CA TYR G 91 -0.69 -19.16 5.65
C TYR G 91 0.30 -18.09 5.21
N ILE G 92 1.57 -18.35 5.50
CA ILE G 92 2.67 -17.59 4.95
C ILE G 92 3.10 -18.25 3.65
N ARG G 93 3.34 -17.45 2.62
CA ARG G 93 3.79 -17.97 1.33
C ARG G 93 5.18 -17.42 1.02
N ILE G 94 6.12 -18.32 0.73
CA ILE G 94 7.48 -17.95 0.36
C ILE G 94 7.65 -18.27 -1.12
N THR G 95 8.02 -17.25 -1.90
CA THR G 95 8.19 -17.39 -3.33
C THR G 95 9.68 -17.35 -3.66
N GLN G 96 10.16 -18.40 -4.34
CA GLN G 96 11.54 -18.47 -4.81
C GLN G 96 11.55 -18.25 -6.32
N TYR G 97 12.32 -17.28 -6.77
CA TYR G 97 12.30 -16.89 -8.18
C TYR G 97 13.68 -16.39 -8.57
N LEU G 98 13.87 -16.21 -9.87
CA LEU G 98 15.08 -15.61 -10.43
C LEU G 98 14.74 -14.22 -10.92
N ASP G 99 15.52 -13.23 -10.48
CA ASP G 99 15.24 -11.84 -10.86
C ASP G 99 15.65 -11.56 -12.30
N ALA G 100 15.89 -10.29 -12.62
CA ALA G 100 16.30 -9.93 -13.97
C ALA G 100 17.67 -10.48 -14.30
N GLY G 101 18.58 -10.48 -13.33
CA GLY G 101 19.92 -10.99 -13.50
C GLY G 101 20.09 -12.46 -13.26
N GLY G 102 19.00 -13.20 -13.08
CA GLY G 102 19.05 -14.63 -12.89
C GLY G 102 19.38 -15.09 -11.48
N ILE G 103 19.73 -14.17 -10.58
CA ILE G 103 20.08 -14.56 -9.21
C ILE G 103 18.81 -15.00 -8.48
N PRO G 104 18.83 -16.11 -7.76
CA PRO G 104 17.65 -16.51 -6.99
C PRO G 104 17.34 -15.55 -5.87
N ARG G 105 16.07 -15.20 -5.72
CA ARG G 105 15.59 -14.35 -4.65
C ARG G 105 14.46 -15.06 -3.93
N THR G 106 14.10 -14.54 -2.75
CA THR G 106 12.96 -15.03 -2.00
C THR G 106 12.08 -13.86 -1.58
N ALA G 107 10.77 -14.08 -1.62
CA ALA G 107 9.81 -13.05 -1.23
C ALA G 107 8.73 -13.69 -0.37
N GLN G 108 8.32 -12.98 0.68
CA GLN G 108 7.30 -13.46 1.59
C GLN G 108 6.00 -12.68 1.40
N SER G 109 4.89 -13.39 1.45
CA SER G 109 3.57 -12.79 1.52
C SER G 109 2.73 -13.56 2.51
N GLU G 110 1.74 -12.88 3.09
CA GLU G 110 0.75 -13.51 3.95
C GLU G 110 -0.57 -13.55 3.21
N GLU G 111 -1.22 -14.71 3.20
CA GLU G 111 -2.40 -14.92 2.38
C GLU G 111 -3.55 -15.46 3.21
N THR G 112 -4.72 -14.86 3.05
CA THR G 112 -5.98 -15.38 3.53
C THR G 112 -6.86 -15.68 2.34
N ARG G 113 -7.39 -16.90 2.26
CA ARG G 113 -8.30 -17.30 1.19
C ARG G 113 -9.54 -17.94 1.78
N VAL G 114 -10.71 -17.48 1.36
CA VAL G 114 -11.99 -17.92 1.87
C VAL G 114 -12.67 -18.76 0.80
N TRP G 115 -13.10 -19.96 1.17
CA TRP G 115 -13.70 -20.91 0.24
C TRP G 115 -15.14 -21.20 0.66
N HIS G 116 -15.99 -21.41 -0.35
CA HIS G 116 -17.41 -21.67 -0.15
C HIS G 116 -17.79 -22.89 -0.99
N ARG G 117 -18.43 -23.88 -0.36
CA ARG G 117 -18.86 -25.07 -1.07
C ARG G 117 -20.14 -24.75 -1.83
N ARG G 118 -20.07 -24.84 -3.16
CA ARG G 118 -21.19 -24.54 -4.04
C ARG G 118 -21.43 -25.71 -4.97
N ASP G 119 -22.60 -26.32 -4.88
CA ASP G 119 -23.00 -27.44 -5.74
C ASP G 119 -21.98 -28.57 -5.69
N GLY G 120 -21.59 -28.94 -4.48
CA GLY G 120 -20.62 -30.00 -4.31
C GLY G 120 -19.21 -29.67 -4.75
N LYS G 121 -18.89 -28.39 -4.91
CA LYS G 121 -17.55 -27.97 -5.30
C LYS G 121 -17.15 -26.74 -4.51
N TRP G 122 -15.90 -26.71 -4.05
CA TRP G 122 -15.39 -25.55 -3.34
C TRP G 122 -15.13 -24.40 -4.31
N GLN G 123 -15.58 -23.21 -3.94
CA GLN G 123 -15.44 -22.03 -4.77
C GLN G 123 -14.73 -20.93 -3.99
N HIS G 124 -13.70 -20.36 -4.61
CA HIS G 124 -12.93 -19.27 -4.01
C HIS G 124 -13.73 -17.98 -4.06
N VAL G 125 -14.10 -17.44 -2.89
CA VAL G 125 -14.94 -16.25 -2.84
C VAL G 125 -14.19 -14.99 -2.41
N HIS G 126 -13.06 -15.11 -1.71
CA HIS G 126 -12.34 -13.92 -1.29
C HIS G 126 -10.90 -14.28 -0.95
N MET G 127 -9.98 -13.37 -1.28
CA MET G 127 -8.59 -13.52 -0.90
C MET G 127 -8.07 -12.20 -0.36
N HIS G 128 -7.07 -12.29 0.50
CA HIS G 128 -6.38 -11.13 1.04
C HIS G 128 -4.89 -11.47 1.08
N ARG G 129 -4.09 -10.71 0.35
CA ARG G 129 -2.65 -10.91 0.33
C ARG G 129 -1.95 -9.63 0.75
N SER G 130 -1.05 -9.74 1.73
CA SER G 130 -0.16 -8.65 2.09
C SER G 130 1.28 -9.08 1.82
N GLY G 131 2.13 -8.11 1.53
CA GLY G 131 3.50 -8.40 1.15
C GLY G 131 3.92 -7.64 -0.10
N ALA G 132 4.80 -8.26 -0.92
CA ALA G 132 5.30 -7.52 -2.07
C ALA G 132 4.53 -7.88 -3.33
N PRO G 133 4.34 -6.93 -4.24
CA PRO G 133 3.63 -7.22 -5.48
C PRO G 133 4.49 -8.04 -6.45
N SER G 134 3.82 -8.79 -7.30
CA SER G 134 4.49 -9.62 -8.30
C SER G 134 4.80 -8.81 -9.55
K K H . -21.36 15.53 -28.14
K K I . -12.32 20.31 -20.81
C1 GOL J . -7.12 4.10 -2.06
O1 GOL J . -7.86 2.96 -1.70
C2 GOL J . -5.68 3.94 -1.48
O2 GOL J . -5.44 4.85 -0.44
C3 GOL J . -4.73 4.17 -2.66
O3 GOL J . -3.46 4.36 -2.12
C1 GOL K . -2.74 26.52 -10.76
O1 GOL K . -3.60 27.61 -10.86
C2 GOL K . -1.41 27.01 -10.12
O2 GOL K . -1.53 27.24 -8.76
C3 GOL K . -0.38 25.91 -10.43
O3 GOL K . -0.35 25.75 -11.82
K K L . -29.48 18.51 4.90
C1 GOL M . 34.31 -11.41 13.50
O1 GOL M . 34.15 -12.77 13.76
C2 GOL M . 32.91 -10.83 13.14
O2 GOL M . 31.93 -11.31 13.99
C3 GOL M . 33.06 -9.30 13.23
O3 GOL M . 32.28 -8.89 14.31
K K N . 23.30 -25.78 35.73
K K O . -16.06 -21.10 -11.24
#